data_4OJ8
#
_entry.id   4OJ8
#
_cell.length_a   80.251
_cell.length_b   165.778
_cell.length_c   146.580
_cell.angle_alpha   90.000
_cell.angle_beta   90.000
_cell.angle_gamma   90.000
#
_symmetry.space_group_name_H-M   'C 2 2 21'
#
loop_
_entity.id
_entity.type
_entity.pdbx_description
1 polymer '(5R)-carbapenem-3-carboxylate synthase'
2 non-polymer 'FE (II) ION'
3 non-polymer '2-OXOGLUTARIC ACID'
4 non-polymer GLYCEROL
5 non-polymer '(2S,5S)-7-oxo-1-azabicyclo[3.2.0]heptane-2-carboxylic acid'
6 water water
#
_entity_poly.entity_id   1
_entity_poly.type   'polypeptide(L)'
_entity_poly.pdbx_seq_one_letter_code
;MGSSHHHHHHSSGLVPRGSHMSEIVKFNPVMASGFGAYIDHRDFLEAKTETIKNLLMRQGFVVVKNLDIDSDTFRDIYSA
YGTIVEYADEKIGVGFGYRDTLKLEGEKGKIVTGRGQLPFHADGGLLLSQVDQVFLYAAEIKNVKFRGATTVCDHALACQ
EMPAHLLRVLEEETFEVRVLERGYYVDVSPDGWFKVPVFTDLGWVRKMLIYFPFDEGQPASWEPRIVGFTDHETQAFFQE
LGAFLKQPRYYYKHFWEDGDLLIMDNRRVIHEREEFNDDDIVRRLYRGQTADI
;
_entity_poly.pdbx_strand_id   A,B,C
#
loop_
_chem_comp.id
_chem_comp.type
_chem_comp.name
_chem_comp.formula
2TQ non-polymer '(2S,5S)-7-oxo-1-azabicyclo[3.2.0]heptane-2-carboxylic acid' 'C7 H9 N O3'
AKG non-polymer '2-OXOGLUTARIC ACID' 'C5 H6 O5'
FE2 non-polymer 'FE (II) ION' 'Fe 2'
GOL non-polymer GLYCEROL 'C3 H8 O3'
#
# COMPACT_ATOMS: atom_id res chain seq x y z
N SER A 22 13.57 -28.72 -4.60
CA SER A 22 13.50 -27.25 -4.38
C SER A 22 14.82 -26.74 -3.79
N GLU A 23 15.65 -26.12 -4.63
CA GLU A 23 17.00 -25.72 -4.25
C GLU A 23 17.15 -24.25 -3.90
N ILE A 24 18.18 -23.95 -3.11
CA ILE A 24 18.45 -22.62 -2.59
C ILE A 24 19.72 -22.04 -3.23
N VAL A 25 19.71 -20.74 -3.50
CA VAL A 25 20.91 -20.02 -3.92
C VAL A 25 21.29 -18.98 -2.86
N LYS A 26 22.60 -18.86 -2.62
CA LYS A 26 23.14 -17.86 -1.69
C LYS A 26 23.06 -16.47 -2.31
N PHE A 27 22.54 -15.51 -1.56
CA PHE A 27 22.47 -14.13 -2.01
C PHE A 27 22.47 -13.16 -0.84
N ASN A 28 22.73 -11.89 -1.13
CA ASN A 28 22.54 -10.80 -0.18
C ASN A 28 21.58 -9.77 -0.72
N PRO A 29 20.66 -9.27 0.13
CA PRO A 29 19.69 -8.27 -0.34
C PRO A 29 20.40 -7.00 -0.82
N VAL A 30 19.81 -6.34 -1.82
CA VAL A 30 20.35 -5.09 -2.34
C VAL A 30 19.79 -3.92 -1.52
N MET A 31 18.47 -3.91 -1.34
CA MET A 31 17.79 -2.83 -0.61
C MET A 31 17.78 -3.11 0.89
N ALA A 32 17.64 -2.05 1.69
CA ALA A 32 17.49 -2.18 3.14
C ALA A 32 16.18 -2.86 3.50
N SER A 33 15.20 -2.78 2.60
CA SER A 33 13.91 -3.44 2.77
C SER A 33 14.02 -4.96 2.67
N GLY A 34 15.14 -5.44 2.14
CA GLY A 34 15.34 -6.86 1.89
C GLY A 34 15.12 -7.25 0.43
N PHE A 35 14.74 -6.27 -0.38
CA PHE A 35 14.48 -6.42 -1.81
C PHE A 35 15.79 -6.52 -2.62
N GLY A 36 15.73 -7.15 -3.79
CA GLY A 36 16.92 -7.31 -4.63
C GLY A 36 17.85 -8.41 -4.16
N ALA A 37 18.75 -8.84 -5.04
CA ALA A 37 19.69 -9.92 -4.70
C ALA A 37 21.04 -9.74 -5.37
N TYR A 38 22.09 -9.61 -4.56
CA TYR A 38 23.46 -9.72 -5.03
C TYR A 38 23.81 -11.20 -5.03
N ILE A 39 24.27 -11.71 -6.17
CA ILE A 39 24.72 -13.09 -6.25
C ILE A 39 26.16 -13.15 -6.81
N ASP A 40 27.02 -13.86 -6.09
CA ASP A 40 28.40 -14.12 -6.52
C ASP A 40 28.38 -14.87 -7.84
N HIS A 41 29.27 -14.51 -8.75
CA HIS A 41 29.26 -15.05 -10.11
C HIS A 41 29.36 -16.58 -10.18
N ARG A 42 30.11 -17.18 -9.27
CA ARG A 42 30.24 -18.64 -9.21
C ARG A 42 28.96 -19.31 -8.72
N ASP A 43 28.36 -18.75 -7.67
CA ASP A 43 27.07 -19.23 -7.17
C ASP A 43 25.98 -19.12 -8.22
N PHE A 44 25.98 -18.03 -8.97
CA PHE A 44 25.03 -17.82 -10.04
C PHE A 44 25.18 -18.86 -11.16
N LEU A 45 26.41 -19.03 -11.64
CA LEU A 45 26.70 -19.99 -12.71
C LEU A 45 26.34 -21.43 -12.34
N GLU A 46 26.51 -21.78 -11.07
CA GLU A 46 26.23 -23.14 -10.61
C GLU A 46 24.76 -23.39 -10.27
N ALA A 47 24.00 -22.32 -10.05
CA ALA A 47 22.60 -22.45 -9.68
C ALA A 47 21.75 -22.94 -10.85
N LYS A 48 20.70 -23.70 -10.54
CA LYS A 48 19.72 -24.09 -11.55
C LYS A 48 18.96 -22.86 -12.04
N THR A 49 18.59 -22.87 -13.32
CA THR A 49 17.80 -21.78 -13.93
C THR A 49 16.56 -21.47 -13.10
N GLU A 50 15.86 -22.52 -12.67
CA GLU A 50 14.62 -22.42 -11.89
C GLU A 50 14.81 -21.71 -10.56
N THR A 51 15.95 -21.94 -9.92
CA THR A 51 16.27 -21.33 -8.64
C THR A 51 16.35 -19.80 -8.77
N ILE A 52 16.99 -19.34 -9.85
CA ILE A 52 17.10 -17.89 -10.10
C ILE A 52 15.76 -17.30 -10.53
N LYS A 53 15.07 -17.98 -11.44
CA LYS A 53 13.74 -17.58 -11.91
C LYS A 53 12.76 -17.39 -10.75
N ASN A 54 12.76 -18.35 -9.83
CA ASN A 54 11.98 -18.25 -8.59
C ASN A 54 12.35 -17.05 -7.72
N LEU A 55 13.64 -16.89 -7.43
CA LEU A 55 14.10 -15.82 -6.54
C LEU A 55 13.75 -14.44 -7.10
N LEU A 56 13.82 -14.32 -8.41
CA LEU A 56 13.53 -13.06 -9.11
C LEU A 56 12.10 -12.55 -8.88
N MET A 57 11.16 -13.49 -8.74
CA MET A 57 9.76 -13.14 -8.53
C MET A 57 9.54 -12.33 -7.24
N ARG A 58 10.26 -12.70 -6.18
CA ARG A 58 10.11 -12.01 -4.90
C ARG A 58 11.19 -10.95 -4.63
N GLN A 59 12.38 -11.13 -5.21
CA GLN A 59 13.48 -10.18 -5.04
C GLN A 59 13.47 -9.05 -6.09
N GLY A 60 12.71 -9.24 -7.16
CA GLY A 60 12.58 -8.21 -8.21
C GLY A 60 13.72 -8.14 -9.21
N PHE A 61 14.96 -8.19 -8.70
CA PHE A 61 16.14 -8.07 -9.54
C PHE A 61 17.37 -8.76 -8.95
N VAL A 62 18.25 -9.23 -9.84
CA VAL A 62 19.49 -9.91 -9.49
C VAL A 62 20.69 -9.15 -10.08
N VAL A 63 21.72 -8.96 -9.26
CA VAL A 63 22.94 -8.29 -9.68
C VAL A 63 24.10 -9.27 -9.55
N VAL A 64 24.77 -9.52 -10.68
CA VAL A 64 25.94 -10.39 -10.72
C VAL A 64 27.12 -9.62 -11.31
N LYS A 65 28.25 -9.63 -10.61
CA LYS A 65 29.45 -8.95 -11.08
C LYS A 65 30.54 -9.96 -11.42
N ASN A 66 31.53 -9.50 -12.20
CA ASN A 66 32.70 -10.31 -12.58
C ASN A 66 32.36 -11.55 -13.38
N LEU A 67 31.47 -11.39 -14.36
CA LEU A 67 31.05 -12.50 -15.20
C LEU A 67 31.62 -12.34 -16.60
N ASP A 68 32.68 -13.10 -16.89
CA ASP A 68 33.38 -13.02 -18.18
C ASP A 68 32.79 -14.04 -19.16
N ILE A 69 31.84 -13.58 -19.96
CA ILE A 69 31.15 -14.43 -20.95
C ILE A 69 31.00 -13.71 -22.29
N ASP A 70 30.93 -14.48 -23.38
CA ASP A 70 30.65 -13.93 -24.70
C ASP A 70 29.14 -13.90 -25.00
N SER A 71 28.77 -13.38 -26.17
CA SER A 71 27.37 -13.22 -26.56
C SER A 71 26.61 -14.56 -26.63
N ASP A 72 27.29 -15.61 -27.06
CA ASP A 72 26.68 -16.94 -27.19
C ASP A 72 26.34 -17.57 -25.84
N THR A 73 27.23 -17.38 -24.87
CA THR A 73 26.99 -17.86 -23.50
C THR A 73 25.84 -17.07 -22.86
N PHE A 74 25.81 -15.76 -23.13
CA PHE A 74 24.73 -14.90 -22.66
C PHE A 74 23.38 -15.44 -23.11
N ARG A 75 23.27 -15.82 -24.39
CA ARG A 75 22.06 -16.42 -24.95
C ARG A 75 21.75 -17.79 -24.32
N ASP A 76 22.76 -18.65 -24.18
CA ASP A 76 22.59 -19.94 -23.49
C ASP A 76 22.01 -19.74 -22.09
N ILE A 77 22.46 -18.69 -21.40
CA ILE A 77 22.01 -18.40 -20.04
C ILE A 77 20.54 -17.95 -19.99
N TYR A 78 20.20 -16.92 -20.77
CA TYR A 78 18.87 -16.33 -20.67
C TYR A 78 17.75 -17.13 -21.33
N SER A 79 18.06 -17.82 -22.43
CA SER A 79 17.04 -18.56 -23.18
C SER A 79 16.44 -19.72 -22.39
N ALA A 80 17.17 -20.21 -21.38
CA ALA A 80 16.67 -21.28 -20.52
C ALA A 80 15.54 -20.85 -19.57
N TYR A 81 15.31 -19.54 -19.45
CA TYR A 81 14.30 -19.00 -18.52
C TYR A 81 12.87 -19.09 -19.07
N GLY A 82 12.74 -19.38 -20.36
CA GLY A 82 11.42 -19.49 -21.01
C GLY A 82 11.51 -19.28 -22.50
N THR A 83 10.41 -18.85 -23.12
CA THR A 83 10.41 -18.54 -24.55
C THR A 83 11.05 -17.17 -24.77
N ILE A 84 11.96 -17.11 -25.75
CA ILE A 84 12.59 -15.86 -26.16
C ILE A 84 11.57 -14.92 -26.79
N VAL A 85 11.58 -13.66 -26.32
CA VAL A 85 10.80 -12.60 -26.93
C VAL A 85 11.73 -11.84 -27.87
N GLU A 86 11.40 -11.83 -29.15
CA GLU A 86 12.20 -11.13 -30.16
C GLU A 86 12.01 -9.62 -30.06
N TYR A 87 13.08 -8.87 -30.30
CA TYR A 87 13.00 -7.41 -30.24
C TYR A 87 12.40 -6.83 -31.51
N VAL A 94 6.69 -10.81 -38.97
CA VAL A 94 6.74 -12.00 -38.13
C VAL A 94 8.19 -12.36 -37.74
N GLY A 95 8.33 -13.22 -36.74
CA GLY A 95 9.64 -13.64 -36.27
C GLY A 95 9.91 -15.12 -36.45
N PHE A 96 11.17 -15.45 -36.69
CA PHE A 96 11.59 -16.86 -36.83
C PHE A 96 12.68 -17.22 -35.80
N GLY A 97 12.81 -16.39 -34.77
CA GLY A 97 13.71 -16.66 -33.64
C GLY A 97 15.09 -16.03 -33.73
N TYR A 98 15.30 -15.14 -34.70
CA TYR A 98 16.62 -14.56 -34.94
C TYR A 98 16.92 -13.27 -34.17
N ARG A 99 15.88 -12.47 -33.91
CA ARG A 99 16.06 -11.20 -33.21
C ARG A 99 16.01 -11.41 -31.70
N ASP A 100 16.98 -12.15 -31.18
CA ASP A 100 17.00 -12.51 -29.77
C ASP A 100 17.74 -11.50 -28.88
N THR A 101 19.05 -11.38 -29.08
CA THR A 101 19.89 -10.49 -28.30
C THR A 101 19.96 -9.11 -28.94
N LEU A 102 19.39 -8.12 -28.27
CA LEU A 102 19.48 -6.73 -28.72
C LEU A 102 20.79 -6.10 -28.23
N LYS A 103 21.53 -5.51 -29.17
CA LYS A 103 22.78 -4.83 -28.82
C LYS A 103 22.53 -3.35 -28.59
N LEU A 104 22.57 -2.94 -27.32
CA LEU A 104 22.41 -1.53 -26.94
C LEU A 104 23.79 -0.93 -26.82
N GLU A 105 24.24 -0.29 -27.88
CA GLU A 105 25.64 0.14 -27.97
C GLU A 105 25.78 1.65 -28.12
N GLY A 106 24.71 2.37 -27.82
CA GLY A 106 24.72 3.83 -27.85
C GLY A 106 24.97 4.37 -29.23
N GLU A 107 24.12 3.96 -30.18
CA GLU A 107 24.21 4.42 -31.55
C GLU A 107 23.56 5.80 -31.66
N LYS A 108 24.28 6.76 -32.24
CA LYS A 108 23.76 8.10 -32.44
C LYS A 108 22.64 8.06 -33.47
N GLY A 109 21.57 8.79 -33.18
CA GLY A 109 20.39 8.81 -34.05
C GLY A 109 19.31 7.81 -33.68
N LYS A 110 19.51 7.11 -32.55
CA LYS A 110 18.55 6.12 -32.08
C LYS A 110 18.04 6.47 -30.69
N ILE A 111 16.91 5.89 -30.31
CA ILE A 111 16.33 6.14 -28.98
C ILE A 111 16.68 5.00 -28.02
N VAL A 112 16.03 3.85 -28.22
CA VAL A 112 16.25 2.68 -27.36
C VAL A 112 17.72 2.25 -27.38
N THR A 113 18.30 2.16 -28.58
CA THR A 113 19.72 1.80 -28.72
C THR A 113 20.60 3.06 -28.83
N GLY A 114 20.05 4.18 -28.39
CA GLY A 114 20.76 5.46 -28.42
C GLY A 114 21.50 5.81 -27.14
N ARG A 115 21.78 7.11 -26.97
CA ARG A 115 22.66 7.58 -25.91
C ARG A 115 21.94 8.46 -24.89
N GLY A 116 20.63 8.61 -25.05
CA GLY A 116 19.84 9.44 -24.15
C GLY A 116 19.08 8.66 -23.10
N GLN A 117 18.27 9.40 -22.34
CA GLN A 117 17.42 8.87 -21.29
C GLN A 117 16.37 7.88 -21.83
N LEU A 118 16.09 6.84 -21.05
CA LEU A 118 14.86 6.08 -21.18
C LEU A 118 14.12 6.19 -19.85
N PRO A 119 13.00 6.92 -19.81
CA PRO A 119 12.29 7.13 -18.55
C PRO A 119 11.58 5.87 -18.08
N PHE A 120 11.14 5.87 -16.82
CA PHE A 120 10.47 4.71 -16.22
C PHE A 120 9.54 3.98 -17.18
N HIS A 121 9.74 2.66 -17.28
CA HIS A 121 8.90 1.78 -18.09
C HIS A 121 9.10 0.33 -17.69
N ALA A 122 8.20 -0.53 -18.14
CA ALA A 122 8.46 -1.98 -18.15
C ALA A 122 8.59 -2.40 -19.61
N ASP A 123 9.30 -3.50 -19.86
CA ASP A 123 9.49 -4.01 -21.22
C ASP A 123 8.28 -4.77 -21.74
N GLY A 124 8.19 -4.90 -23.05
CA GLY A 124 7.13 -5.69 -23.70
C GLY A 124 5.76 -5.03 -23.60
N GLY A 125 4.73 -5.80 -23.94
CA GLY A 125 3.35 -5.35 -23.80
C GLY A 125 2.50 -6.41 -23.16
N LEU A 126 1.33 -6.66 -23.75
CA LEU A 126 0.41 -7.68 -23.28
C LEU A 126 0.35 -8.88 -24.23
N LEU A 127 -0.31 -9.94 -23.75
CA LEU A 127 -0.52 -11.16 -24.50
C LEU A 127 0.81 -11.73 -25.01
N LEU A 128 0.89 -12.04 -26.30
CA LEU A 128 2.08 -12.67 -26.87
C LEU A 128 3.33 -11.78 -26.84
N SER A 129 3.15 -10.47 -26.66
CA SER A 129 4.29 -9.57 -26.55
C SER A 129 4.76 -9.30 -25.11
N GLN A 130 4.20 -10.02 -24.13
CA GLN A 130 4.60 -9.82 -22.73
C GLN A 130 6.03 -10.28 -22.45
N VAL A 131 6.69 -9.58 -21.53
CA VAL A 131 8.03 -9.95 -21.11
C VAL A 131 8.00 -10.24 -19.61
N ASP A 132 8.53 -11.39 -19.21
CA ASP A 132 8.58 -11.78 -17.81
C ASP A 132 9.94 -11.45 -17.18
N GLN A 133 11.02 -11.80 -17.90
CA GLN A 133 12.39 -11.52 -17.43
C GLN A 133 13.19 -10.71 -18.46
N VAL A 134 13.94 -9.73 -17.96
CA VAL A 134 14.83 -8.93 -18.79
C VAL A 134 16.26 -9.10 -18.28
N PHE A 135 17.17 -9.38 -19.21
CA PHE A 135 18.58 -9.57 -18.89
C PHE A 135 19.42 -8.49 -19.55
N LEU A 136 20.32 -7.88 -18.78
CA LEU A 136 21.24 -6.87 -19.32
C LEU A 136 22.67 -7.19 -18.92
N TYR A 137 23.54 -7.32 -19.92
CA TYR A 137 24.94 -7.67 -19.70
C TYR A 137 25.88 -6.63 -20.29
N ALA A 138 26.87 -6.21 -19.50
CA ALA A 138 27.85 -5.21 -19.96
C ALA A 138 29.04 -5.85 -20.66
N ALA A 139 29.04 -5.78 -21.99
CA ALA A 139 30.15 -6.28 -22.79
C ALA A 139 31.36 -5.36 -22.69
N GLU A 140 31.12 -4.06 -22.81
CA GLU A 140 32.18 -3.06 -22.79
C GLU A 140 31.68 -1.73 -22.22
N ILE A 141 32.40 -1.24 -21.21
CA ILE A 141 32.09 0.03 -20.55
C ILE A 141 33.40 0.81 -20.38
N LYS A 142 33.45 2.01 -20.95
CA LYS A 142 34.64 2.87 -20.85
C LYS A 142 34.27 4.35 -20.70
N ASN A 143 35.07 5.07 -19.92
CA ASN A 143 34.97 6.53 -19.75
C ASN A 143 33.66 7.02 -19.12
N VAL A 144 33.06 6.20 -18.26
CA VAL A 144 31.83 6.60 -17.59
C VAL A 144 31.77 6.07 -16.15
N LYS A 145 31.52 6.98 -15.23
CA LYS A 145 31.56 6.67 -13.80
C LYS A 145 30.29 7.12 -13.08
N PHE A 146 29.64 8.16 -13.59
CA PHE A 146 28.45 8.70 -12.92
C PHE A 146 27.39 9.19 -13.90
N ARG A 147 27.26 8.48 -15.02
CA ARG A 147 26.22 8.71 -16.02
C ARG A 147 25.76 7.35 -16.55
N GLY A 148 24.69 7.34 -17.33
CA GLY A 148 24.22 6.11 -17.99
C GLY A 148 23.88 4.93 -17.09
N ALA A 149 23.41 5.21 -15.88
CA ALA A 149 22.98 4.13 -14.97
C ALA A 149 21.71 3.47 -15.48
N THR A 150 21.54 2.18 -15.17
CA THR A 150 20.24 1.53 -15.29
C THR A 150 19.64 1.51 -13.89
N THR A 151 18.40 1.96 -13.77
CA THR A 151 17.77 2.06 -12.45
C THR A 151 16.57 1.15 -12.32
N VAL A 152 16.31 0.71 -11.09
CA VAL A 152 15.27 -0.28 -10.79
C VAL A 152 14.38 0.24 -9.65
N CYS A 153 13.06 0.17 -9.83
CA CYS A 153 12.11 0.62 -8.81
C CYS A 153 11.22 -0.50 -8.29
N ASP A 154 11.22 -0.67 -6.97
CA ASP A 154 10.34 -1.60 -6.26
C ASP A 154 8.91 -1.03 -6.24
N HIS A 155 8.18 -1.21 -7.34
CA HIS A 155 6.87 -0.57 -7.48
C HIS A 155 5.78 -1.11 -6.55
N ALA A 156 5.86 -2.39 -6.17
CA ALA A 156 4.85 -2.96 -5.27
C ALA A 156 4.92 -2.33 -3.88
N LEU A 157 6.12 -2.24 -3.33
CA LEU A 157 6.30 -1.58 -2.04
C LEU A 157 5.95 -0.09 -2.15
N ALA A 158 6.35 0.54 -3.25
CA ALA A 158 6.09 1.97 -3.44
C ALA A 158 4.60 2.29 -3.50
N CYS A 159 3.85 1.46 -4.22
CA CYS A 159 2.40 1.64 -4.35
C CYS A 159 1.68 1.43 -3.03
N GLN A 160 2.23 0.57 -2.18
CA GLN A 160 1.66 0.29 -0.87
C GLN A 160 1.84 1.45 0.12
N GLU A 161 2.91 2.23 -0.06
CA GLU A 161 3.30 3.24 0.92
C GLU A 161 3.08 4.67 0.42
N MET A 162 2.77 4.75 -0.88
CA MET A 162 2.46 5.97 -1.60
C MET A 162 1.32 6.78 -0.97
N PRO A 163 1.39 8.13 -1.01
CA PRO A 163 0.23 8.93 -0.62
C PRO A 163 -0.99 8.57 -1.47
N ALA A 164 -2.15 8.49 -0.83
CA ALA A 164 -3.39 8.05 -1.48
C ALA A 164 -3.71 8.82 -2.76
N HIS A 165 -3.47 10.13 -2.76
CA HIS A 165 -3.74 10.98 -3.93
C HIS A 165 -2.90 10.59 -5.17
N LEU A 166 -1.73 10.00 -4.95
CA LEU A 166 -0.94 9.47 -6.07
C LEU A 166 -1.44 8.11 -6.54
N LEU A 167 -1.71 7.20 -5.59
CA LEU A 167 -2.19 5.87 -5.92
C LEU A 167 -3.57 5.88 -6.60
N ARG A 168 -4.42 6.84 -6.23
CA ARG A 168 -5.75 6.97 -6.82
C ARG A 168 -5.70 7.16 -8.33
N VAL A 169 -4.79 8.02 -8.79
CA VAL A 169 -4.62 8.30 -10.22
C VAL A 169 -4.22 7.01 -10.96
N LEU A 170 -3.22 6.31 -10.43
CA LEU A 170 -2.73 5.06 -11.01
C LEU A 170 -3.81 3.99 -11.09
N GLU A 171 -4.70 3.99 -10.11
CA GLU A 171 -5.73 2.95 -10.01
C GLU A 171 -7.02 3.27 -10.77
N GLU A 172 -7.31 4.55 -10.98
CA GLU A 172 -8.64 4.94 -11.47
C GLU A 172 -8.66 5.66 -12.81
N GLU A 173 -7.54 6.28 -13.18
CA GLU A 173 -7.49 7.07 -14.40
C GLU A 173 -6.93 6.29 -15.58
N THR A 174 -7.35 6.68 -16.79
CA THR A 174 -6.89 6.04 -18.02
C THR A 174 -5.58 6.66 -18.52
N PHE A 175 -4.56 5.83 -18.64
CA PHE A 175 -3.27 6.25 -19.17
C PHE A 175 -3.17 5.87 -20.65
N GLU A 176 -2.84 6.86 -21.48
CA GLU A 176 -2.67 6.62 -22.91
C GLU A 176 -1.27 7.02 -23.34
N VAL A 177 -0.79 6.36 -24.40
CA VAL A 177 0.56 6.59 -24.92
C VAL A 177 0.51 6.73 -26.44
N ARG A 178 1.34 7.64 -26.96
CA ARG A 178 1.49 7.82 -28.39
C ARG A 178 2.94 7.58 -28.76
N VAL A 179 3.17 6.82 -29.84
CA VAL A 179 4.53 6.58 -30.34
C VAL A 179 4.96 7.80 -31.17
N LEU A 180 6.12 8.35 -30.84
CA LEU A 180 6.65 9.51 -31.57
C LEU A 180 7.61 9.08 -32.67
N TRP A 193 -2.96 7.55 -30.17
CA TRP A 193 -3.09 7.29 -28.74
C TRP A 193 -3.75 5.94 -28.48
N PHE A 194 -3.13 5.15 -27.59
CA PHE A 194 -3.69 3.87 -27.15
C PHE A 194 -3.56 3.70 -25.64
N LYS A 195 -4.55 3.03 -25.04
CA LYS A 195 -4.61 2.79 -23.60
C LYS A 195 -3.58 1.76 -23.14
N VAL A 196 -2.81 2.12 -22.11
CA VAL A 196 -1.89 1.18 -21.46
C VAL A 196 -2.39 0.94 -20.02
N PRO A 197 -2.92 -0.27 -19.75
CA PRO A 197 -3.43 -0.57 -18.41
C PRO A 197 -2.28 -0.54 -17.40
N VAL A 198 -2.39 0.36 -16.41
CA VAL A 198 -1.34 0.55 -15.41
C VAL A 198 -1.08 -0.75 -14.64
N PHE A 199 -2.14 -1.37 -14.14
CA PHE A 199 -2.01 -2.56 -13.31
C PHE A 199 -2.66 -3.78 -13.94
N THR A 200 -1.88 -4.86 -14.04
CA THR A 200 -2.41 -6.16 -14.44
C THR A 200 -2.21 -7.12 -13.28
N ASP A 201 -3.32 -7.42 -12.61
CA ASP A 201 -3.29 -8.18 -11.36
C ASP A 201 -2.97 -9.65 -11.58
N LEU A 202 -1.77 -10.05 -11.17
CA LEU A 202 -1.33 -11.43 -11.26
C LEU A 202 -1.46 -12.14 -9.91
N GLY A 203 -2.08 -11.47 -8.94
CA GLY A 203 -2.24 -12.02 -7.61
C GLY A 203 -1.06 -11.72 -6.70
N TRP A 204 0.07 -12.37 -7.01
CA TRP A 204 1.29 -12.18 -6.23
C TRP A 204 1.88 -10.78 -6.43
N VAL A 205 1.61 -10.18 -7.58
CA VAL A 205 2.01 -8.80 -7.86
C VAL A 205 0.95 -8.17 -8.78
N ARG A 206 0.86 -6.85 -8.75
CA ARG A 206 0.15 -6.14 -9.80
C ARG A 206 1.22 -5.67 -10.78
N LYS A 207 1.34 -6.40 -11.89
CA LYS A 207 2.29 -6.06 -12.96
C LYS A 207 2.01 -4.65 -13.45
N MET A 208 3.06 -3.83 -13.48
CA MET A 208 2.91 -2.44 -13.88
C MET A 208 3.39 -2.21 -15.31
N LEU A 209 2.53 -1.59 -16.10
CA LEU A 209 2.91 -1.05 -17.40
C LEU A 209 2.64 0.45 -17.40
N ILE A 210 3.70 1.22 -17.65
CA ILE A 210 3.65 2.67 -17.58
C ILE A 210 4.79 3.23 -18.43
N TYR A 211 4.60 4.43 -18.96
CA TYR A 211 5.62 5.07 -19.80
C TYR A 211 5.75 6.53 -19.41
N PHE A 212 6.75 6.82 -18.57
CA PHE A 212 7.02 8.20 -18.12
C PHE A 212 7.44 9.11 -19.28
N PRO A 213 7.15 10.42 -19.19
CA PRO A 213 7.59 11.30 -20.27
C PRO A 213 9.10 11.48 -20.27
N PHE A 214 9.68 11.67 -21.45
CA PHE A 214 11.10 11.96 -21.58
C PHE A 214 11.36 13.37 -21.04
N ASP A 215 12.53 13.59 -20.45
CA ASP A 215 12.92 14.94 -20.03
C ASP A 215 13.10 15.82 -21.27
N GLU A 216 12.77 17.10 -21.14
CA GLU A 216 13.06 18.05 -22.22
C GLU A 216 14.54 17.98 -22.57
N GLY A 217 14.84 17.99 -23.87
CA GLY A 217 16.21 17.87 -24.35
C GLY A 217 16.58 16.45 -24.74
N GLN A 218 15.82 15.47 -24.25
CA GLN A 218 16.07 14.07 -24.57
C GLN A 218 15.26 13.61 -25.78
N PRO A 219 15.90 12.86 -26.70
CA PRO A 219 15.18 12.29 -27.84
C PRO A 219 14.11 11.32 -27.35
N ALA A 220 12.87 11.51 -27.81
CA ALA A 220 11.73 10.75 -27.29
C ALA A 220 11.11 9.80 -28.33
N SER A 221 10.84 8.57 -27.90
CA SER A 221 10.15 7.58 -28.74
C SER A 221 8.66 7.42 -28.39
N TRP A 222 8.27 7.95 -27.23
CA TRP A 222 6.87 7.91 -26.79
C TRP A 222 6.47 9.17 -26.03
N GLU A 223 5.16 9.37 -25.88
CA GLU A 223 4.61 10.48 -25.12
C GLU A 223 3.35 10.01 -24.40
N PRO A 224 3.33 10.16 -23.05
CA PRO A 224 2.15 9.75 -22.29
C PRO A 224 1.12 10.86 -22.11
N ARG A 225 -0.12 10.48 -21.85
CA ARG A 225 -1.14 11.41 -21.39
C ARG A 225 -2.10 10.69 -20.45
N ILE A 226 -2.88 11.47 -19.72
CA ILE A 226 -3.90 10.92 -18.82
C ILE A 226 -5.24 11.52 -19.23
N VAL A 227 -6.20 10.65 -19.54
CA VAL A 227 -7.51 11.10 -20.03
C VAL A 227 -8.19 11.98 -18.99
N GLY A 228 -8.58 13.19 -19.39
CA GLY A 228 -9.29 14.11 -18.51
C GLY A 228 -8.40 15.00 -17.67
N PHE A 229 -7.09 14.83 -17.80
CA PHE A 229 -6.11 15.70 -17.15
C PHE A 229 -5.58 16.67 -18.20
N THR A 230 -5.29 17.89 -17.78
CA THR A 230 -4.63 18.86 -18.67
C THR A 230 -3.13 18.56 -18.73
N ASP A 231 -2.43 19.17 -19.69
CA ASP A 231 -0.98 19.01 -19.83
C ASP A 231 -0.25 19.40 -18.55
N HIS A 232 -0.70 20.50 -17.94
CA HIS A 232 -0.18 20.97 -16.66
C HIS A 232 -0.32 19.91 -15.56
N GLU A 233 -1.50 19.30 -15.47
CA GLU A 233 -1.79 18.30 -14.45
C GLU A 233 -0.99 17.00 -14.63
N THR A 234 -0.90 16.54 -15.87
CA THR A 234 -0.13 15.34 -16.20
C THR A 234 1.37 15.51 -15.95
N GLN A 235 1.91 16.66 -16.35
CA GLN A 235 3.31 16.98 -16.10
C GLN A 235 3.60 17.01 -14.60
N ALA A 236 2.71 17.64 -13.85
CA ALA A 236 2.85 17.72 -12.40
C ALA A 236 2.75 16.35 -11.72
N PHE A 237 1.85 15.50 -12.21
CA PHE A 237 1.68 14.14 -11.64
C PHE A 237 2.92 13.28 -11.84
N PHE A 238 3.43 13.22 -13.06
CA PHE A 238 4.62 12.42 -13.36
C PHE A 238 5.85 12.92 -12.61
N GLN A 239 5.98 14.24 -12.47
CA GLN A 239 7.06 14.83 -11.70
C GLN A 239 6.98 14.36 -10.24
N GLU A 240 5.81 14.47 -9.63
CA GLU A 240 5.62 14.09 -8.23
C GLU A 240 5.77 12.57 -8.02
N LEU A 241 5.12 11.78 -8.87
CA LEU A 241 5.24 10.32 -8.79
C LEU A 241 6.69 9.88 -8.99
N GLY A 242 7.34 10.45 -10.00
CA GLY A 242 8.74 10.16 -10.29
C GLY A 242 9.65 10.38 -9.10
N ALA A 243 9.42 11.48 -8.37
CA ALA A 243 10.19 11.82 -7.19
C ALA A 243 9.97 10.81 -6.06
N PHE A 244 8.72 10.37 -5.89
CA PHE A 244 8.40 9.36 -4.87
C PHE A 244 9.06 8.02 -5.17
N LEU A 245 8.99 7.60 -6.43
CA LEU A 245 9.54 6.32 -6.87
C LEU A 245 11.07 6.27 -6.82
N LYS A 246 11.71 7.44 -6.86
CA LYS A 246 13.17 7.53 -6.86
C LYS A 246 13.80 7.63 -5.45
N GLN A 247 12.97 7.59 -4.42
CA GLN A 247 13.46 7.53 -3.04
C GLN A 247 14.22 6.23 -2.79
N PRO A 248 15.36 6.31 -2.06
CA PRO A 248 16.27 5.17 -1.89
C PRO A 248 15.61 3.90 -1.36
N ARG A 249 14.54 4.03 -0.57
CA ARG A 249 13.79 2.87 -0.08
C ARG A 249 13.29 1.97 -1.22
N TYR A 250 12.96 2.58 -2.36
CA TYR A 250 12.37 1.86 -3.50
C TYR A 250 13.30 1.73 -4.70
N TYR A 251 14.36 2.52 -4.71
CA TYR A 251 15.09 2.84 -5.94
C TYR A 251 16.54 2.37 -5.89
N TYR A 252 16.95 1.61 -6.92
CA TYR A 252 18.34 1.16 -7.04
C TYR A 252 18.97 1.70 -8.33
N LYS A 253 20.20 2.21 -8.20
CA LYS A 253 20.95 2.73 -9.35
C LYS A 253 22.13 1.82 -9.64
N HIS A 254 22.14 1.22 -10.82
CA HIS A 254 23.26 0.38 -11.22
C HIS A 254 24.19 1.07 -12.20
N PHE A 255 25.40 1.38 -11.74
CA PHE A 255 26.43 1.94 -12.60
C PHE A 255 27.30 0.81 -13.14
N TRP A 256 27.43 0.78 -14.47
CA TRP A 256 27.90 -0.38 -15.19
C TRP A 256 29.40 -0.59 -15.18
N GLU A 257 29.80 -1.86 -15.06
CA GLU A 257 31.19 -2.29 -15.23
C GLU A 257 31.22 -3.53 -16.12
N ASP A 258 32.29 -3.68 -16.90
CA ASP A 258 32.52 -4.90 -17.69
C ASP A 258 32.20 -6.15 -16.87
N GLY A 259 31.39 -7.04 -17.45
CA GLY A 259 31.06 -8.30 -16.79
C GLY A 259 29.88 -8.26 -15.84
N ASP A 260 29.25 -7.10 -15.72
CA ASP A 260 28.03 -6.96 -14.91
C ASP A 260 26.85 -7.64 -15.61
N LEU A 261 26.04 -8.37 -14.85
CA LEU A 261 24.77 -8.88 -15.34
C LEU A 261 23.63 -8.41 -14.44
N LEU A 262 22.68 -7.68 -15.01
CA LEU A 262 21.48 -7.26 -14.30
C LEU A 262 20.26 -8.00 -14.85
N ILE A 263 19.60 -8.78 -13.99
CA ILE A 263 18.38 -9.46 -14.36
C ILE A 263 17.21 -8.85 -13.59
N MET A 264 16.11 -8.62 -14.30
CA MET A 264 14.90 -8.08 -13.69
C MET A 264 13.70 -8.97 -13.97
N ASP A 265 12.84 -9.14 -12.97
CA ASP A 265 11.50 -9.65 -13.21
C ASP A 265 10.65 -8.46 -13.61
N ASN A 266 10.31 -8.42 -14.90
CA ASN A 266 9.63 -7.30 -15.55
C ASN A 266 8.22 -7.02 -15.01
N ARG A 267 7.68 -7.98 -14.27
CA ARG A 267 6.35 -7.86 -13.67
C ARG A 267 6.43 -7.21 -12.30
N ARG A 268 7.62 -7.25 -11.71
CA ARG A 268 7.82 -6.91 -10.30
C ARG A 268 8.52 -5.56 -10.10
N VAL A 269 9.23 -5.11 -11.13
CA VAL A 269 9.92 -3.82 -11.07
C VAL A 269 9.62 -3.02 -12.32
N ILE A 270 9.86 -1.72 -12.27
CA ILE A 270 9.97 -0.92 -13.48
C ILE A 270 11.38 -0.36 -13.50
N HIS A 271 11.81 0.16 -14.65
CA HIS A 271 13.19 0.55 -14.80
C HIS A 271 13.38 1.71 -15.75
N GLU A 272 14.58 2.28 -15.70
CA GLU A 272 14.90 3.48 -16.44
C GLU A 272 16.39 3.45 -16.83
N ARG A 273 16.73 4.09 -17.94
CA ARG A 273 18.13 4.39 -18.25
C ARG A 273 18.36 5.88 -18.15
N GLU A 274 19.45 6.25 -17.49
CA GLU A 274 19.82 7.66 -17.38
C GLU A 274 20.75 8.00 -18.53
N GLU A 275 20.67 9.24 -19.01
CA GLU A 275 21.42 9.67 -20.20
C GLU A 275 22.93 9.44 -20.07
N PHE A 276 23.58 9.21 -21.20
CA PHE A 276 25.05 9.17 -21.26
C PHE A 276 25.55 9.89 -22.51
N ASN A 277 25.01 11.08 -22.76
CA ASN A 277 25.27 11.83 -23.99
C ASN A 277 26.62 12.54 -24.02
N ASP A 278 27.68 11.74 -23.94
CA ASP A 278 29.05 12.19 -24.13
C ASP A 278 29.70 11.20 -25.08
N ASP A 279 30.33 11.71 -26.14
CA ASP A 279 30.84 10.87 -27.23
C ASP A 279 32.08 10.05 -26.85
N ASP A 280 32.73 10.44 -25.76
CA ASP A 280 33.87 9.70 -25.24
C ASP A 280 33.44 8.42 -24.53
N ILE A 281 32.17 8.36 -24.11
CA ILE A 281 31.64 7.21 -23.39
C ILE A 281 31.44 6.00 -24.30
N VAL A 282 31.97 4.86 -23.87
CA VAL A 282 31.64 3.59 -24.50
C VAL A 282 30.72 2.82 -23.53
N ARG A 283 29.53 2.48 -24.01
CA ARG A 283 28.55 1.73 -23.23
C ARG A 283 27.86 0.73 -24.13
N ARG A 284 28.24 -0.54 -23.99
CA ARG A 284 27.71 -1.60 -24.83
C ARG A 284 27.08 -2.68 -23.94
N LEU A 285 25.76 -2.78 -24.01
CA LEU A 285 25.01 -3.79 -23.27
C LEU A 285 24.33 -4.76 -24.22
N TYR A 286 24.22 -6.03 -23.81
CA TYR A 286 23.43 -7.00 -24.53
C TYR A 286 22.13 -7.23 -23.77
N ARG A 287 21.01 -7.23 -24.48
CA ARG A 287 19.70 -7.41 -23.86
C ARG A 287 18.98 -8.67 -24.35
N GLY A 288 18.49 -9.45 -23.39
CA GLY A 288 17.67 -10.63 -23.64
C GLY A 288 16.34 -10.52 -22.91
N GLN A 289 15.30 -11.11 -23.48
CA GLN A 289 13.95 -11.08 -22.90
C GLN A 289 13.27 -12.43 -23.03
N THR A 290 12.70 -12.92 -21.93
CA THR A 290 12.00 -14.20 -21.92
C THR A 290 10.61 -14.08 -21.32
N ALA A 291 9.72 -15.00 -21.70
CA ALA A 291 8.37 -15.05 -21.14
C ALA A 291 7.82 -16.47 -21.11
N ASP A 292 6.88 -16.68 -20.19
CA ASP A 292 6.06 -17.88 -20.14
C ASP A 292 4.61 -17.53 -20.42
N SER B 22 -8.47 -6.52 -14.97
CA SER B 22 -8.27 -6.61 -13.50
C SER B 22 -9.22 -5.66 -12.78
N GLU B 23 -10.00 -6.19 -11.84
CA GLU B 23 -10.86 -5.35 -11.02
C GLU B 23 -10.31 -5.22 -9.61
N ILE B 24 -10.73 -4.16 -8.93
CA ILE B 24 -10.27 -3.86 -7.58
C ILE B 24 -11.41 -4.08 -6.61
N VAL B 25 -11.13 -4.82 -5.53
CA VAL B 25 -12.06 -4.90 -4.41
C VAL B 25 -11.56 -3.97 -3.30
N LYS B 26 -12.47 -3.21 -2.71
CA LYS B 26 -12.15 -2.36 -1.56
C LYS B 26 -11.88 -3.25 -0.36
N PHE B 27 -10.81 -2.93 0.37
CA PHE B 27 -10.45 -3.66 1.57
C PHE B 27 -9.66 -2.78 2.54
N ASN B 28 -9.60 -3.21 3.79
CA ASN B 28 -8.70 -2.62 4.76
C ASN B 28 -7.72 -3.67 5.28
N PRO B 29 -6.44 -3.29 5.44
CA PRO B 29 -5.44 -4.21 5.99
C PRO B 29 -5.83 -4.68 7.40
N VAL B 30 -5.47 -5.91 7.72
CA VAL B 30 -5.70 -6.46 9.04
C VAL B 30 -4.49 -6.19 9.93
N MET B 31 -3.30 -6.45 9.39
CA MET B 31 -2.05 -6.29 10.13
C MET B 31 -1.49 -4.89 9.97
N ALA B 32 -0.71 -4.45 10.96
CA ALA B 32 -0.04 -3.15 10.91
C ALA B 32 0.93 -3.07 9.73
N SER B 33 1.47 -4.23 9.35
CA SER B 33 2.39 -4.34 8.21
C SER B 33 1.72 -4.07 6.87
N GLY B 34 0.39 -4.18 6.81
CA GLY B 34 -0.36 -4.07 5.55
C GLY B 34 -0.95 -5.39 5.07
N PHE B 35 -0.55 -6.49 5.73
CA PHE B 35 -0.99 -7.85 5.40
C PHE B 35 -2.45 -8.10 5.83
N GLY B 36 -3.10 -9.07 5.20
CA GLY B 36 -4.51 -9.39 5.48
C GLY B 36 -5.49 -8.41 4.86
N ALA B 37 -6.76 -8.81 4.77
CA ALA B 37 -7.80 -7.97 4.19
C ALA B 37 -9.17 -8.13 4.86
N TYR B 38 -9.68 -7.05 5.46
CA TYR B 38 -11.08 -6.95 5.85
C TYR B 38 -11.85 -6.51 4.61
N ILE B 39 -12.91 -7.25 4.27
CA ILE B 39 -13.75 -6.86 3.15
C ILE B 39 -15.21 -6.84 3.59
N ASP B 40 -15.91 -5.75 3.25
CA ASP B 40 -17.34 -5.60 3.55
C ASP B 40 -18.14 -6.68 2.81
N HIS B 41 -19.10 -7.28 3.49
CA HIS B 41 -19.85 -8.42 2.94
C HIS B 41 -20.43 -8.16 1.54
N ARG B 42 -20.99 -6.96 1.35
CA ARG B 42 -21.55 -6.57 0.05
C ARG B 42 -20.46 -6.42 -1.01
N ASP B 43 -19.35 -5.78 -0.64
CA ASP B 43 -18.19 -5.67 -1.53
C ASP B 43 -17.65 -7.05 -1.93
N PHE B 44 -17.63 -7.97 -0.96
CA PHE B 44 -17.19 -9.32 -1.22
C PHE B 44 -18.11 -10.05 -2.20
N LEU B 45 -19.41 -10.03 -1.92
CA LEU B 45 -20.41 -10.71 -2.76
C LEU B 45 -20.46 -10.19 -4.19
N GLU B 46 -20.27 -8.89 -4.36
CA GLU B 46 -20.26 -8.26 -5.68
C GLU B 46 -18.96 -8.49 -6.47
N ALA B 47 -17.89 -8.85 -5.76
CA ALA B 47 -16.57 -9.01 -6.39
C ALA B 47 -16.48 -10.28 -7.22
N LYS B 48 -15.75 -10.18 -8.34
CA LYS B 48 -15.42 -11.38 -9.12
C LYS B 48 -14.55 -12.30 -8.28
N THR B 49 -14.72 -13.60 -8.49
CA THR B 49 -13.92 -14.63 -7.82
C THR B 49 -12.42 -14.39 -8.01
N GLU B 50 -12.02 -14.14 -9.26
CA GLU B 50 -10.63 -13.86 -9.61
C GLU B 50 -10.03 -12.68 -8.84
N THR B 51 -10.85 -11.67 -8.56
CA THR B 51 -10.41 -10.49 -7.81
C THR B 51 -10.00 -10.87 -6.38
N ILE B 52 -10.83 -11.70 -5.73
CA ILE B 52 -10.53 -12.17 -4.39
C ILE B 52 -9.38 -13.17 -4.39
N LYS B 53 -9.41 -14.10 -5.36
CA LYS B 53 -8.38 -15.12 -5.51
C LYS B 53 -6.99 -14.50 -5.68
N ASN B 54 -6.92 -13.45 -6.50
CA ASN B 54 -5.70 -12.66 -6.67
C ASN B 54 -5.25 -12.01 -5.37
N LEU B 55 -6.16 -11.26 -4.73
CA LEU B 55 -5.83 -10.49 -3.53
C LEU B 55 -5.25 -11.39 -2.44
N LEU B 56 -5.82 -12.59 -2.29
CA LEU B 56 -5.38 -13.58 -1.30
C LEU B 56 -3.91 -13.98 -1.40
N MET B 57 -3.37 -13.98 -2.62
CA MET B 57 -1.97 -14.35 -2.84
C MET B 57 -1.01 -13.39 -2.14
N ARG B 58 -1.35 -12.10 -2.13
CA ARG B 58 -0.51 -11.09 -1.50
C ARG B 58 -0.95 -10.67 -0.10
N GLN B 59 -2.23 -10.86 0.22
CA GLN B 59 -2.77 -10.47 1.53
C GLN B 59 -2.86 -11.65 2.49
N GLY B 60 -2.67 -12.87 1.97
CA GLY B 60 -2.64 -14.07 2.80
C GLY B 60 -3.98 -14.59 3.27
N PHE B 61 -4.83 -13.68 3.75
CA PHE B 61 -6.14 -14.04 4.27
C PHE B 61 -7.17 -12.91 4.12
N VAL B 62 -8.43 -13.30 4.03
CA VAL B 62 -9.54 -12.36 3.89
C VAL B 62 -10.55 -12.61 5.02
N VAL B 63 -11.02 -11.53 5.62
CA VAL B 63 -12.01 -11.58 6.70
C VAL B 63 -13.27 -10.83 6.27
N VAL B 64 -14.38 -11.56 6.18
CA VAL B 64 -15.67 -10.98 5.85
C VAL B 64 -16.62 -11.25 7.01
N LYS B 65 -17.29 -10.20 7.48
CA LYS B 65 -18.28 -10.34 8.54
C LYS B 65 -19.69 -10.12 8.00
N ASN B 66 -20.68 -10.61 8.74
CA ASN B 66 -22.10 -10.36 8.44
C ASN B 66 -22.62 -10.94 7.13
N LEU B 67 -22.09 -12.10 6.75
CA LEU B 67 -22.65 -12.88 5.65
C LEU B 67 -23.79 -13.74 6.17
N ASP B 68 -24.85 -13.86 5.40
CA ASP B 68 -25.97 -14.72 5.76
C ASP B 68 -26.18 -15.79 4.68
N ILE B 69 -25.39 -16.85 4.72
CA ILE B 69 -25.44 -17.90 3.69
C ILE B 69 -25.58 -19.31 4.26
N ASP B 70 -26.29 -20.17 3.52
CA ASP B 70 -26.41 -21.59 3.85
C ASP B 70 -25.23 -22.38 3.28
N SER B 71 -25.23 -23.69 3.54
CA SER B 71 -24.11 -24.56 3.13
C SER B 71 -23.95 -24.68 1.62
N ASP B 72 -25.06 -24.66 0.89
CA ASP B 72 -25.03 -24.73 -0.57
C ASP B 72 -24.41 -23.47 -1.21
N THR B 73 -24.80 -22.29 -0.70
CA THR B 73 -24.24 -21.03 -1.18
C THR B 73 -22.75 -20.92 -0.85
N PHE B 74 -22.38 -21.41 0.33
CA PHE B 74 -20.97 -21.53 0.73
C PHE B 74 -20.19 -22.33 -0.32
N ARG B 75 -20.75 -23.47 -0.74
CA ARG B 75 -20.14 -24.30 -1.76
C ARG B 75 -20.03 -23.59 -3.11
N ASP B 76 -21.12 -22.94 -3.53
CA ASP B 76 -21.12 -22.18 -4.79
C ASP B 76 -20.00 -21.12 -4.80
N ILE B 77 -19.82 -20.43 -3.67
CA ILE B 77 -18.76 -19.43 -3.54
C ILE B 77 -17.36 -20.06 -3.65
N TYR B 78 -17.04 -21.00 -2.77
CA TYR B 78 -15.69 -21.56 -2.75
C TYR B 78 -15.33 -22.41 -3.97
N SER B 79 -16.30 -23.14 -4.53
CA SER B 79 -16.03 -24.02 -5.68
C SER B 79 -15.60 -23.26 -6.93
N ALA B 80 -15.93 -21.98 -7.01
CA ALA B 80 -15.55 -21.15 -8.16
C ALA B 80 -14.06 -20.80 -8.17
N TYR B 81 -13.37 -21.01 -7.05
CA TYR B 81 -11.95 -20.65 -6.91
C TYR B 81 -10.98 -21.66 -7.52
N GLY B 82 -11.48 -22.84 -7.88
CA GLY B 82 -10.65 -23.87 -8.50
C GLY B 82 -11.28 -25.24 -8.42
N THR B 83 -10.45 -26.27 -8.44
CA THR B 83 -10.92 -27.65 -8.26
C THR B 83 -11.11 -27.92 -6.78
N ILE B 84 -12.32 -28.35 -6.41
CA ILE B 84 -12.63 -28.72 -5.04
C ILE B 84 -11.73 -29.87 -4.62
N VAL B 85 -11.02 -29.68 -3.51
CA VAL B 85 -10.27 -30.76 -2.88
C VAL B 85 -11.29 -31.57 -2.08
N GLU B 86 -11.60 -32.76 -2.60
CA GLU B 86 -12.61 -33.63 -1.99
C GLU B 86 -12.18 -35.09 -1.98
N TYR B 87 -12.75 -35.86 -1.05
CA TYR B 87 -12.41 -37.27 -0.91
C TYR B 87 -13.67 -38.13 -0.96
N ALA B 88 -13.89 -38.72 -2.13
CA ALA B 88 -15.06 -39.55 -2.39
C ALA B 88 -14.66 -40.89 -2.98
N ASP B 89 -15.66 -41.76 -3.20
CA ASP B 89 -15.49 -43.09 -3.81
C ASP B 89 -14.51 -43.97 -3.03
N GLU B 90 -13.25 -43.99 -3.46
CA GLU B 90 -12.21 -44.78 -2.81
C GLU B 90 -11.72 -44.10 -1.52
N LYS B 91 -11.59 -42.78 -1.57
CA LYS B 91 -11.08 -42.00 -0.43
C LYS B 91 -12.22 -41.50 0.47
N ILE B 92 -13.37 -42.17 0.41
CA ILE B 92 -14.59 -41.74 1.13
C ILE B 92 -14.44 -41.71 2.67
N GLY B 93 -13.53 -42.53 3.20
CA GLY B 93 -13.29 -42.60 4.64
C GLY B 93 -12.68 -41.34 5.25
N VAL B 94 -11.99 -40.55 4.42
CA VAL B 94 -11.31 -39.32 4.89
C VAL B 94 -12.31 -38.31 5.47
N GLY B 95 -12.05 -37.91 6.71
CA GLY B 95 -12.88 -36.95 7.41
C GLY B 95 -14.23 -37.52 7.80
N PHE B 96 -14.27 -38.85 7.96
CA PHE B 96 -15.48 -39.59 8.32
C PHE B 96 -16.62 -39.42 7.31
N GLY B 97 -16.25 -39.24 6.04
CA GLY B 97 -17.21 -39.18 4.93
C GLY B 97 -17.92 -37.85 4.76
N TYR B 98 -17.14 -36.79 4.52
CA TYR B 98 -17.72 -35.46 4.30
C TYR B 98 -17.77 -35.09 2.82
N ARG B 99 -16.91 -35.71 2.03
CA ARG B 99 -16.73 -35.42 0.60
C ARG B 99 -16.11 -34.03 0.36
N ASP B 100 -16.94 -32.99 0.25
CA ASP B 100 -16.44 -31.65 -0.11
C ASP B 100 -16.41 -30.64 1.05
N THR B 101 -17.56 -30.38 1.65
CA THR B 101 -17.64 -29.45 2.78
C THR B 101 -17.52 -30.20 4.11
N LEU B 102 -16.46 -29.91 4.86
CA LEU B 102 -16.29 -30.50 6.19
C LEU B 102 -17.01 -29.67 7.25
N LYS B 103 -17.82 -30.35 8.06
CA LYS B 103 -18.50 -29.72 9.18
C LYS B 103 -17.68 -29.91 10.45
N LEU B 104 -17.06 -28.84 10.91
CA LEU B 104 -16.34 -28.87 12.18
C LEU B 104 -17.26 -28.35 13.27
N GLU B 105 -17.79 -29.28 14.06
CA GLU B 105 -18.88 -28.98 15.00
C GLU B 105 -18.54 -29.35 16.44
N GLY B 106 -17.25 -29.56 16.71
CA GLY B 106 -16.77 -29.86 18.06
C GLY B 106 -17.35 -31.15 18.60
N GLU B 107 -17.13 -32.24 17.88
CA GLU B 107 -17.64 -33.56 18.24
C GLU B 107 -16.71 -34.23 19.23
N LYS B 108 -17.29 -34.83 20.27
CA LYS B 108 -16.53 -35.54 21.30
C LYS B 108 -15.91 -36.81 20.72
N GLY B 109 -14.68 -37.10 21.14
CA GLY B 109 -13.98 -38.30 20.68
C GLY B 109 -13.33 -38.15 19.30
N LYS B 110 -13.41 -36.96 18.74
CA LYS B 110 -12.71 -36.63 17.49
C LYS B 110 -11.69 -35.52 17.74
N ILE B 111 -10.76 -35.33 16.81
CA ILE B 111 -9.69 -34.35 17.02
C ILE B 111 -9.78 -33.15 16.06
N VAL B 112 -9.64 -33.41 14.75
CA VAL B 112 -9.75 -32.34 13.76
C VAL B 112 -11.11 -31.65 13.89
N THR B 113 -12.18 -32.45 13.92
CA THR B 113 -13.54 -31.96 14.14
C THR B 113 -13.91 -32.04 15.63
N GLY B 114 -12.89 -32.02 16.49
CA GLY B 114 -13.08 -32.06 17.93
C GLY B 114 -13.10 -30.70 18.59
N ARG B 115 -12.87 -30.68 19.90
CA ARG B 115 -13.00 -29.46 20.71
C ARG B 115 -11.65 -28.93 21.21
N GLY B 116 -10.56 -29.56 20.78
CA GLY B 116 -9.23 -29.20 21.27
C GLY B 116 -8.42 -28.35 20.32
N GLN B 117 -7.14 -28.19 20.65
CA GLN B 117 -6.21 -27.41 19.86
C GLN B 117 -5.86 -28.11 18.54
N LEU B 118 -5.77 -27.32 17.47
CA LEU B 118 -5.03 -27.75 16.29
C LEU B 118 -3.86 -26.78 16.10
N PRO B 119 -2.62 -27.25 16.36
CA PRO B 119 -1.44 -26.37 16.34
C PRO B 119 -1.11 -25.92 14.91
N PHE B 120 -0.20 -24.95 14.81
CA PHE B 120 0.22 -24.41 13.50
C PHE B 120 0.36 -25.50 12.46
N HIS B 121 -0.26 -25.28 11.30
CA HIS B 121 -0.20 -26.22 10.19
C HIS B 121 -0.62 -25.57 8.88
N ALA B 122 -0.34 -26.28 7.79
CA ALA B 122 -0.96 -26.00 6.49
C ALA B 122 -1.86 -27.19 6.15
N ASP B 123 -3.01 -26.92 5.53
CA ASP B 123 -3.95 -27.97 5.16
C ASP B 123 -3.43 -28.84 4.02
N GLY B 124 -3.92 -30.07 3.94
CA GLY B 124 -3.65 -30.96 2.81
C GLY B 124 -2.41 -31.83 2.92
N GLY B 125 -1.31 -31.24 3.37
CA GLY B 125 0.01 -31.89 3.38
C GLY B 125 0.08 -33.31 3.91
N LEU B 126 -0.60 -33.58 5.02
CA LEU B 126 -0.57 -34.92 5.64
C LEU B 126 -1.35 -35.95 4.83
N LEU B 127 -2.31 -35.47 4.03
CA LEU B 127 -3.09 -36.32 3.13
C LEU B 127 -2.46 -36.41 1.74
N LEU B 128 -1.32 -35.74 1.58
CA LEU B 128 -0.62 -35.59 0.29
C LEU B 128 -1.49 -34.95 -0.79
N SER B 129 -2.33 -34.00 -0.36
CA SER B 129 -3.19 -33.24 -1.26
C SER B 129 -2.76 -31.79 -1.32
N GLN B 130 -2.69 -31.25 -2.53
CA GLN B 130 -2.42 -29.83 -2.70
C GLN B 130 -3.67 -29.02 -2.37
N VAL B 131 -3.53 -28.07 -1.45
CA VAL B 131 -4.62 -27.14 -1.13
C VAL B 131 -4.09 -25.71 -1.30
N ASP B 132 -4.73 -24.93 -2.17
CA ASP B 132 -4.31 -23.55 -2.44
C ASP B 132 -5.06 -22.52 -1.60
N GLN B 133 -6.37 -22.69 -1.47
CA GLN B 133 -7.22 -21.81 -0.65
C GLN B 133 -8.05 -22.63 0.34
N VAL B 134 -8.20 -22.11 1.56
CA VAL B 134 -9.03 -22.72 2.60
C VAL B 134 -10.11 -21.73 3.03
N PHE B 135 -11.35 -22.21 3.13
CA PHE B 135 -12.51 -21.38 3.46
C PHE B 135 -13.15 -21.86 4.76
N LEU B 136 -13.44 -20.92 5.65
CA LEU B 136 -14.07 -21.25 6.93
C LEU B 136 -15.22 -20.29 7.20
N TYR B 137 -16.43 -20.86 7.36
CA TYR B 137 -17.64 -20.06 7.60
C TYR B 137 -18.30 -20.45 8.92
N ALA B 138 -18.68 -19.44 9.70
CA ALA B 138 -19.32 -19.68 10.99
C ALA B 138 -20.83 -19.83 10.85
N ALA B 139 -21.29 -21.08 10.90
CA ALA B 139 -22.73 -21.39 10.82
C ALA B 139 -23.42 -21.10 12.15
N GLU B 140 -22.80 -21.50 13.26
CA GLU B 140 -23.35 -21.26 14.58
C GLU B 140 -22.26 -21.15 15.64
N ILE B 141 -22.28 -20.04 16.38
CA ILE B 141 -21.38 -19.82 17.50
C ILE B 141 -22.16 -19.30 18.72
N LYS B 142 -21.98 -19.97 19.85
CA LYS B 142 -22.65 -19.59 21.10
C LYS B 142 -21.79 -19.87 22.33
N ASN B 143 -21.90 -18.98 23.32
CA ASN B 143 -21.23 -19.13 24.62
C ASN B 143 -19.70 -19.16 24.57
N VAL B 144 -19.12 -18.40 23.63
CA VAL B 144 -17.68 -18.33 23.49
C VAL B 144 -17.25 -16.94 23.02
N LYS B 145 -16.33 -16.33 23.77
CA LYS B 145 -15.90 -14.96 23.50
C LYS B 145 -14.38 -14.81 23.45
N PHE B 146 -13.67 -15.70 24.15
CA PHE B 146 -12.22 -15.63 24.23
C PHE B 146 -11.57 -17.02 24.24
N ARG B 147 -12.20 -17.95 23.52
CA ARG B 147 -11.65 -19.29 23.29
C ARG B 147 -11.98 -19.71 21.88
N GLY B 148 -11.42 -20.83 21.43
CA GLY B 148 -11.77 -21.41 20.14
C GLY B 148 -11.42 -20.60 18.91
N ALA B 149 -10.48 -19.67 19.06
CA ALA B 149 -10.04 -18.82 17.94
C ALA B 149 -9.38 -19.62 16.82
N THR B 150 -9.56 -19.13 15.60
CA THR B 150 -8.74 -19.57 14.48
C THR B 150 -7.68 -18.49 14.28
N THR B 151 -6.43 -18.90 14.18
CA THR B 151 -5.33 -17.94 14.11
C THR B 151 -4.55 -18.06 12.81
N VAL B 152 -3.93 -16.96 12.39
CA VAL B 152 -3.24 -16.90 11.10
C VAL B 152 -1.84 -16.28 11.24
N CYS B 153 -0.85 -16.92 10.63
CA CYS B 153 0.54 -16.45 10.67
C CYS B 153 1.09 -16.06 9.31
N ASP B 154 1.58 -14.82 9.22
CA ASP B 154 2.26 -14.31 8.03
C ASP B 154 3.67 -14.93 8.00
N HIS B 155 3.78 -16.16 7.49
CA HIS B 155 5.05 -16.89 7.55
C HIS B 155 6.19 -16.32 6.68
N ALA B 156 5.85 -15.67 5.57
CA ALA B 156 6.89 -15.10 4.71
C ALA B 156 7.62 -13.95 5.40
N LEU B 157 6.86 -13.06 6.04
CA LEU B 157 7.47 -11.94 6.78
C LEU B 157 8.26 -12.47 7.98
N ALA B 158 7.66 -13.40 8.72
CA ALA B 158 8.28 -14.01 9.88
C ALA B 158 9.62 -14.69 9.56
N CYS B 159 9.68 -15.42 8.45
CA CYS B 159 10.91 -16.11 8.04
C CYS B 159 12.01 -15.14 7.63
N GLN B 160 11.59 -14.03 7.03
CA GLN B 160 12.49 -12.96 6.61
C GLN B 160 13.10 -12.25 7.82
N GLU B 161 12.36 -12.18 8.92
CA GLU B 161 12.81 -11.42 10.10
C GLU B 161 13.25 -12.33 11.25
N MET B 162 13.18 -13.64 11.00
CA MET B 162 13.47 -14.67 12.00
C MET B 162 14.94 -14.66 12.45
N PRO B 163 15.19 -14.96 13.75
CA PRO B 163 16.55 -15.23 14.19
C PRO B 163 17.16 -16.37 13.38
N ALA B 164 18.42 -16.21 12.99
CA ALA B 164 19.10 -17.14 12.08
C ALA B 164 19.16 -18.58 12.59
N HIS B 165 19.27 -18.75 13.92
CA HIS B 165 19.38 -20.09 14.49
C HIS B 165 18.07 -20.89 14.37
N LEU B 166 16.94 -20.17 14.28
CA LEU B 166 15.65 -20.81 14.05
C LEU B 166 15.41 -21.10 12.56
N LEU B 167 15.69 -20.13 11.70
CA LEU B 167 15.54 -20.32 10.25
C LEU B 167 16.43 -21.43 9.70
N ARG B 168 17.64 -21.57 10.24
CA ARG B 168 18.59 -22.57 9.78
C ARG B 168 17.99 -23.99 9.88
N VAL B 169 17.36 -24.27 11.02
CA VAL B 169 16.71 -25.56 11.25
C VAL B 169 15.64 -25.80 10.19
N LEU B 170 14.79 -24.80 9.97
CA LEU B 170 13.71 -24.88 9.00
C LEU B 170 14.19 -25.10 7.58
N GLU B 171 15.34 -24.52 7.24
CA GLU B 171 15.87 -24.59 5.88
C GLU B 171 16.77 -25.80 5.62
N GLU B 172 17.37 -26.34 6.68
CA GLU B 172 18.41 -27.35 6.52
C GLU B 172 18.11 -28.74 7.11
N GLU B 173 17.21 -28.82 8.08
CA GLU B 173 16.93 -30.09 8.75
C GLU B 173 15.75 -30.82 8.12
N THR B 174 15.68 -32.14 8.34
CA THR B 174 14.60 -32.95 7.80
C THR B 174 13.47 -33.08 8.82
N PHE B 175 12.30 -32.60 8.42
CA PHE B 175 11.10 -32.66 9.25
C PHE B 175 10.23 -33.84 8.82
N GLU B 176 9.91 -34.71 9.78
CA GLU B 176 9.03 -35.85 9.53
C GLU B 176 7.78 -35.78 10.38
N VAL B 177 6.70 -36.37 9.88
CA VAL B 177 5.42 -36.35 10.59
C VAL B 177 4.81 -37.76 10.61
N ARG B 178 4.06 -38.05 11.67
CA ARG B 178 3.29 -39.28 11.78
C ARG B 178 1.83 -38.93 12.05
N VAL B 179 0.93 -39.55 11.31
CA VAL B 179 -0.51 -39.38 11.48
C VAL B 179 -1.02 -40.28 12.62
N LEU B 180 -1.82 -39.70 13.51
CA LEU B 180 -2.30 -40.42 14.71
C LEU B 180 -3.81 -40.66 14.74
N GLU B 181 -4.60 -39.67 14.30
CA GLU B 181 -6.06 -39.80 14.26
C GLU B 181 -6.46 -40.64 13.04
N ARG B 182 -6.35 -41.97 13.19
CA ARG B 182 -6.47 -42.89 12.07
C ARG B 182 -7.83 -42.85 11.37
N GLY B 183 -8.89 -42.55 12.12
CA GLY B 183 -10.24 -42.39 11.58
C GLY B 183 -10.38 -41.24 10.60
N TYR B 184 -9.61 -40.18 10.81
CA TYR B 184 -9.65 -39.01 9.93
C TYR B 184 -8.88 -39.23 8.63
N TYR B 185 -7.68 -39.78 8.73
CA TYR B 185 -6.76 -39.87 7.59
C TYR B 185 -6.80 -41.23 6.88
N VAL B 186 -7.50 -42.19 7.48
CA VAL B 186 -7.60 -43.58 6.99
C VAL B 186 -6.30 -44.09 6.34
N ASP B 187 -6.39 -44.58 5.11
CA ASP B 187 -5.22 -45.14 4.41
C ASP B 187 -4.68 -44.20 3.32
N VAL B 188 -5.24 -43.00 3.24
CA VAL B 188 -4.78 -41.97 2.30
C VAL B 188 -3.43 -41.39 2.76
N SER B 189 -3.32 -41.09 4.06
CA SER B 189 -2.05 -40.69 4.65
C SER B 189 -1.10 -41.89 4.73
N PRO B 190 0.21 -41.65 4.53
CA PRO B 190 1.20 -42.73 4.64
C PRO B 190 1.23 -43.34 6.04
N ASP B 191 1.69 -44.58 6.12
CA ASP B 191 1.84 -45.26 7.39
C ASP B 191 3.18 -44.86 8.02
N GLY B 192 3.16 -44.59 9.32
CA GLY B 192 4.37 -44.22 10.06
C GLY B 192 4.97 -42.88 9.66
N TRP B 193 6.24 -42.69 10.00
CA TRP B 193 6.96 -41.44 9.78
C TRP B 193 7.27 -41.17 8.31
N PHE B 194 6.89 -39.99 7.83
CA PHE B 194 7.23 -39.58 6.47
C PHE B 194 7.70 -38.12 6.40
N LYS B 195 8.65 -37.87 5.50
CA LYS B 195 9.22 -36.53 5.33
C LYS B 195 8.21 -35.56 4.71
N VAL B 196 8.09 -34.39 5.33
CA VAL B 196 7.33 -33.29 4.76
C VAL B 196 8.30 -32.12 4.55
N PRO B 197 8.47 -31.68 3.29
CA PRO B 197 9.39 -30.56 3.02
C PRO B 197 8.84 -29.26 3.58
N VAL B 198 9.66 -28.56 4.36
CA VAL B 198 9.25 -27.32 5.03
C VAL B 198 8.93 -26.22 4.03
N PHE B 199 9.84 -26.01 3.07
CA PHE B 199 9.66 -24.99 2.05
C PHE B 199 9.57 -25.59 0.65
N THR B 200 8.60 -25.09 -0.11
CA THR B 200 8.47 -25.41 -1.53
C THR B 200 8.46 -24.07 -2.26
N ASP B 201 9.49 -23.84 -3.06
CA ASP B 201 9.69 -22.54 -3.68
C ASP B 201 8.77 -22.34 -4.87
N LEU B 202 7.79 -21.46 -4.71
CA LEU B 202 6.88 -21.13 -5.81
C LEU B 202 7.25 -19.81 -6.47
N GLY B 203 8.44 -19.29 -6.12
CA GLY B 203 8.89 -18.01 -6.64
C GLY B 203 8.30 -16.85 -5.87
N TRP B 204 7.00 -16.62 -6.05
CA TRP B 204 6.31 -15.53 -5.36
C TRP B 204 6.27 -15.77 -3.85
N VAL B 205 6.30 -17.03 -3.45
CA VAL B 205 6.35 -17.41 -2.03
C VAL B 205 7.08 -18.74 -1.89
N ARG B 206 7.70 -18.95 -0.72
CA ARG B 206 8.13 -20.27 -0.33
C ARG B 206 6.99 -20.85 0.50
N LYS B 207 6.18 -21.72 -0.13
CA LYS B 207 5.06 -22.36 0.53
C LYS B 207 5.56 -23.15 1.73
N MET B 208 4.92 -22.95 2.88
CA MET B 208 5.29 -23.64 4.11
C MET B 208 4.42 -24.85 4.42
N LEU B 209 5.06 -26.01 4.56
CA LEU B 209 4.39 -27.19 5.06
C LEU B 209 5.10 -27.61 6.35
N ILE B 210 4.40 -27.43 7.46
CA ILE B 210 4.95 -27.72 8.78
C ILE B 210 3.80 -28.15 9.69
N TYR B 211 4.10 -29.04 10.64
CA TYR B 211 3.08 -29.60 11.53
C TYR B 211 3.56 -29.61 12.97
N PHE B 212 3.17 -28.56 13.70
CA PHE B 212 3.59 -28.34 15.08
C PHE B 212 3.08 -29.43 16.02
N PRO B 213 3.77 -29.65 17.16
CA PRO B 213 3.29 -30.64 18.10
C PRO B 213 2.14 -30.09 18.93
N PHE B 214 1.21 -30.97 19.30
CA PHE B 214 0.07 -30.60 20.13
C PHE B 214 0.55 -30.37 21.57
N ASP B 215 -0.07 -29.40 22.25
CA ASP B 215 0.18 -29.16 23.67
C ASP B 215 -0.16 -30.41 24.47
N GLU B 216 0.51 -30.60 25.61
CA GLU B 216 0.15 -31.68 26.52
C GLU B 216 -1.26 -31.46 27.03
N GLY B 217 -2.06 -32.53 27.07
CA GLY B 217 -3.45 -32.45 27.48
C GLY B 217 -4.41 -32.26 26.31
N GLN B 218 -3.86 -31.96 25.13
CA GLN B 218 -4.65 -31.86 23.91
C GLN B 218 -4.51 -33.12 23.06
N PRO B 219 -5.65 -33.74 22.68
CA PRO B 219 -5.62 -34.94 21.83
C PRO B 219 -4.92 -34.65 20.52
N ALA B 220 -3.91 -35.46 20.19
CA ALA B 220 -3.05 -35.21 19.05
C ALA B 220 -3.47 -35.97 17.78
N SER B 221 -3.80 -35.22 16.74
CA SER B 221 -4.17 -35.79 15.44
C SER B 221 -2.92 -36.23 14.67
N TRP B 222 -1.82 -35.53 14.90
CA TRP B 222 -0.53 -35.83 14.27
C TRP B 222 0.63 -35.61 15.22
N GLU B 223 1.84 -35.94 14.76
CA GLU B 223 3.05 -35.87 15.59
C GLU B 223 4.29 -35.59 14.74
N PRO B 224 5.03 -34.51 15.07
CA PRO B 224 6.25 -34.16 14.35
C PRO B 224 7.53 -34.67 15.00
N ARG B 225 8.57 -34.85 14.19
CA ARG B 225 9.93 -35.04 14.69
C ARG B 225 10.92 -34.43 13.70
N ILE B 226 12.12 -34.15 14.20
CA ILE B 226 13.20 -33.66 13.35
C ILE B 226 14.34 -34.67 13.40
N VAL B 227 14.75 -35.15 12.23
CA VAL B 227 15.80 -36.16 12.12
C VAL B 227 17.10 -35.61 12.68
N GLY B 228 17.73 -36.39 13.57
CA GLY B 228 19.00 -35.99 14.19
C GLY B 228 18.84 -35.18 15.47
N PHE B 229 17.60 -34.79 15.77
CA PHE B 229 17.31 -34.03 16.98
C PHE B 229 16.84 -34.98 18.07
N THR B 230 17.14 -34.67 19.32
CA THR B 230 16.55 -35.41 20.44
C THR B 230 15.14 -34.90 20.67
N ASP B 231 14.36 -35.63 21.47
CA ASP B 231 13.00 -35.24 21.81
C ASP B 231 12.91 -33.87 22.47
N HIS B 232 13.87 -33.58 23.35
CA HIS B 232 13.88 -32.29 24.05
C HIS B 232 14.39 -31.14 23.18
N GLU B 233 15.25 -31.45 22.21
CA GLU B 233 15.68 -30.46 21.23
C GLU B 233 14.54 -30.04 20.31
N THR B 234 13.76 -31.02 19.88
CA THR B 234 12.61 -30.78 19.00
C THR B 234 11.52 -30.00 19.73
N GLN B 235 11.21 -30.43 20.96
CA GLN B 235 10.24 -29.73 21.80
C GLN B 235 10.67 -28.28 22.09
N ALA B 236 11.96 -28.10 22.40
CA ALA B 236 12.52 -26.76 22.65
C ALA B 236 12.47 -25.87 21.40
N PHE B 237 12.77 -26.46 20.25
CA PHE B 237 12.73 -25.74 18.98
C PHE B 237 11.32 -25.24 18.66
N PHE B 238 10.33 -26.14 18.78
CA PHE B 238 8.97 -25.78 18.43
C PHE B 238 8.39 -24.74 19.37
N GLN B 239 8.71 -24.86 20.66
CA GLN B 239 8.28 -23.88 21.66
C GLN B 239 8.81 -22.48 21.33
N GLU B 240 10.10 -22.39 21.00
CA GLU B 240 10.71 -21.10 20.67
C GLU B 240 10.20 -20.55 19.34
N LEU B 241 10.16 -21.38 18.31
CA LEU B 241 9.62 -20.98 17.01
C LEU B 241 8.16 -20.52 17.12
N GLY B 242 7.33 -21.28 17.83
CA GLY B 242 5.92 -20.92 18.06
C GLY B 242 5.76 -19.53 18.65
N ALA B 243 6.50 -19.25 19.71
CA ALA B 243 6.49 -17.93 20.37
C ALA B 243 6.86 -16.80 19.42
N PHE B 244 7.85 -17.03 18.55
CA PHE B 244 8.24 -16.02 17.57
C PHE B 244 7.14 -15.76 16.53
N LEU B 245 6.51 -16.84 16.06
CA LEU B 245 5.45 -16.73 15.05
C LEU B 245 4.17 -16.11 15.60
N LYS B 246 3.98 -16.19 16.92
CA LYS B 246 2.80 -15.66 17.57
C LYS B 246 2.89 -14.17 17.91
N GLN B 247 4.02 -13.54 17.61
CA GLN B 247 4.14 -12.09 17.77
C GLN B 247 3.14 -11.35 16.89
N PRO B 248 2.47 -10.31 17.44
CA PRO B 248 1.37 -9.63 16.75
C PRO B 248 1.73 -9.08 15.36
N ARG B 249 3.02 -8.80 15.14
CA ARG B 249 3.48 -8.40 13.79
C ARG B 249 3.13 -9.45 12.72
N TYR B 250 3.12 -10.72 13.10
CA TYR B 250 2.88 -11.81 12.14
C TYR B 250 1.54 -12.53 12.34
N TYR B 251 0.86 -12.22 13.44
CA TYR B 251 -0.14 -13.12 14.01
C TYR B 251 -1.50 -12.44 14.15
N TYR B 252 -2.53 -13.07 13.60
CA TYR B 252 -3.90 -12.58 13.73
C TYR B 252 -4.79 -13.65 14.38
N LYS B 253 -5.56 -13.23 15.39
CA LYS B 253 -6.49 -14.12 16.08
C LYS B 253 -7.92 -13.79 15.66
N HIS B 254 -8.61 -14.77 15.10
CA HIS B 254 -10.02 -14.56 14.73
C HIS B 254 -10.97 -15.24 15.71
N PHE B 255 -11.66 -14.43 16.50
CA PHE B 255 -12.72 -14.91 17.38
C PHE B 255 -14.06 -14.88 16.64
N TRP B 256 -14.70 -16.06 16.57
CA TRP B 256 -15.82 -16.27 15.67
C TRP B 256 -17.14 -15.66 16.12
N GLU B 257 -17.92 -15.20 15.13
CA GLU B 257 -19.33 -14.83 15.31
C GLU B 257 -20.09 -15.39 14.12
N ASP B 258 -21.39 -15.62 14.29
CA ASP B 258 -22.26 -16.08 13.18
C ASP B 258 -22.09 -15.21 11.93
N GLY B 259 -21.94 -15.86 10.78
CA GLY B 259 -21.82 -15.15 9.50
C GLY B 259 -20.43 -14.67 9.14
N ASP B 260 -19.43 -15.01 9.94
CA ASP B 260 -18.02 -14.73 9.62
C ASP B 260 -17.54 -15.67 8.51
N LEU B 261 -16.79 -15.13 7.56
CA LEU B 261 -16.07 -15.95 6.60
C LEU B 261 -14.57 -15.60 6.63
N LEU B 262 -13.76 -16.62 6.89
CA LEU B 262 -12.32 -16.50 6.83
C LEU B 262 -11.78 -17.32 5.66
N ILE B 263 -11.08 -16.64 4.75
CA ILE B 263 -10.42 -17.32 3.64
C ILE B 263 -8.91 -17.16 3.77
N MET B 264 -8.18 -18.25 3.59
CA MET B 264 -6.72 -18.23 3.64
C MET B 264 -6.13 -18.79 2.36
N ASP B 265 -5.07 -18.14 1.88
CA ASP B 265 -4.20 -18.74 0.88
C ASP B 265 -3.24 -19.66 1.62
N ASN B 266 -3.44 -20.96 1.43
CA ASN B 266 -2.73 -22.02 2.16
C ASN B 266 -1.24 -22.10 1.80
N ARG B 267 -0.83 -21.35 0.77
CA ARG B 267 0.57 -21.31 0.38
C ARG B 267 1.31 -20.15 1.05
N ARG B 268 0.54 -19.19 1.57
CA ARG B 268 1.06 -17.89 2.00
C ARG B 268 0.99 -17.70 3.51
N VAL B 269 0.13 -18.47 4.16
CA VAL B 269 0.00 -18.45 5.61
C VAL B 269 -0.06 -19.87 6.15
N ILE B 270 0.24 -20.00 7.45
CA ILE B 270 -0.08 -21.21 8.20
C ILE B 270 -1.06 -20.82 9.31
N HIS B 271 -1.77 -21.79 9.87
CA HIS B 271 -2.85 -21.46 10.80
C HIS B 271 -3.03 -22.51 11.89
N GLU B 272 -3.73 -22.11 12.95
CA GLU B 272 -4.03 -23.02 14.05
C GLU B 272 -5.46 -22.80 14.57
N ARG B 273 -6.00 -23.79 15.29
CA ARG B 273 -7.18 -23.59 16.12
C ARG B 273 -6.79 -23.71 17.59
N GLU B 274 -7.24 -22.75 18.39
CA GLU B 274 -7.04 -22.82 19.83
C GLU B 274 -8.20 -23.57 20.46
N GLU B 275 -7.90 -24.35 21.50
CA GLU B 275 -8.88 -25.21 22.17
C GLU B 275 -10.17 -24.47 22.55
N PHE B 276 -11.28 -25.21 22.60
CA PHE B 276 -12.53 -24.68 23.12
C PHE B 276 -13.26 -25.72 23.97
N ASN B 277 -12.50 -26.39 24.84
CA ASN B 277 -13.00 -27.54 25.60
C ASN B 277 -13.92 -27.17 26.77
N ASP B 278 -14.97 -26.41 26.45
CA ASP B 278 -16.02 -26.06 27.39
C ASP B 278 -17.33 -26.59 26.83
N ASP B 279 -18.00 -27.43 27.61
CA ASP B 279 -19.21 -28.13 27.17
C ASP B 279 -20.36 -27.23 26.72
N ASP B 280 -20.44 -26.02 27.29
CA ASP B 280 -21.50 -25.06 26.95
C ASP B 280 -21.28 -24.38 25.59
N ILE B 281 -20.07 -24.47 25.05
CA ILE B 281 -19.72 -23.82 23.78
C ILE B 281 -20.34 -24.52 22.57
N VAL B 282 -21.06 -23.75 21.76
CA VAL B 282 -21.47 -24.20 20.42
C VAL B 282 -20.56 -23.53 19.40
N ARG B 283 -19.86 -24.35 18.61
CA ARG B 283 -18.95 -23.85 17.58
C ARG B 283 -19.03 -24.78 16.37
N ARG B 284 -19.76 -24.34 15.35
CA ARG B 284 -19.93 -25.11 14.12
C ARG B 284 -19.46 -24.29 12.91
N LEU B 285 -18.39 -24.77 12.28
CA LEU B 285 -17.81 -24.13 11.10
C LEU B 285 -17.92 -25.02 9.87
N TYR B 286 -18.15 -24.42 8.71
CA TYR B 286 -18.03 -25.12 7.43
C TYR B 286 -16.64 -24.91 6.84
N ARG B 287 -16.05 -25.96 6.28
CA ARG B 287 -14.74 -25.84 5.64
C ARG B 287 -14.74 -26.33 4.20
N GLY B 288 -14.25 -25.48 3.30
CA GLY B 288 -14.03 -25.84 1.90
C GLY B 288 -12.57 -25.65 1.53
N GLN B 289 -12.11 -26.40 0.53
CA GLN B 289 -10.73 -26.33 0.04
C GLN B 289 -10.69 -26.42 -1.49
N THR B 290 -9.85 -25.60 -2.10
CA THR B 290 -9.70 -25.58 -3.57
C THR B 290 -8.23 -25.53 -3.97
N ALA B 291 -7.95 -26.02 -5.18
CA ALA B 291 -6.58 -25.98 -5.74
C ALA B 291 -6.57 -25.92 -7.26
N ASP B 292 -5.50 -25.34 -7.80
CA ASP B 292 -5.18 -25.42 -9.22
C ASP B 292 -3.85 -26.15 -9.40
N SER C 22 -21.74 9.06 25.27
CA SER C 22 -20.42 8.66 24.69
C SER C 22 -20.63 7.52 23.68
N GLU C 23 -20.49 7.84 22.39
CA GLU C 23 -20.78 6.89 21.31
C GLU C 23 -19.66 6.84 20.27
N ILE C 24 -19.64 5.75 19.49
CA ILE C 24 -18.56 5.48 18.52
C ILE C 24 -19.04 5.60 17.07
N VAL C 25 -18.20 6.21 16.23
CA VAL C 25 -18.41 6.20 14.78
C VAL C 25 -17.31 5.38 14.10
N LYS C 26 -17.71 4.54 13.13
CA LYS C 26 -16.76 3.80 12.31
C LYS C 26 -15.95 4.77 11.44
N PHE C 27 -14.65 4.53 11.35
CA PHE C 27 -13.76 5.33 10.50
C PHE C 27 -12.49 4.57 10.17
N ASN C 28 -11.82 5.00 9.10
CA ASN C 28 -10.48 4.53 8.78
C ASN C 28 -9.51 5.70 8.88
N PRO C 29 -8.31 5.47 9.43
CA PRO C 29 -7.29 6.50 9.48
C PRO C 29 -6.92 6.99 8.07
N VAL C 30 -6.54 8.25 7.94
CA VAL C 30 -6.12 8.77 6.64
C VAL C 30 -4.61 8.63 6.47
N MET C 31 -3.89 8.95 7.55
CA MET C 31 -2.44 8.95 7.56
C MET C 31 -1.91 7.61 8.05
N ALA C 32 -0.71 7.25 7.57
CA ALA C 32 0.02 6.07 8.05
C ALA C 32 0.27 6.11 9.56
N SER C 33 0.26 7.31 10.14
CA SER C 33 0.45 7.51 11.58
C SER C 33 -0.80 7.14 12.39
N GLY C 34 -1.94 7.05 11.71
CA GLY C 34 -3.21 6.82 12.40
C GLY C 34 -4.07 8.08 12.51
N PHE C 35 -3.48 9.22 12.13
CA PHE C 35 -4.15 10.52 12.10
C PHE C 35 -5.18 10.59 10.97
N GLY C 36 -6.19 11.45 11.13
CA GLY C 36 -7.23 11.63 10.11
C GLY C 36 -8.34 10.60 10.20
N ALA C 37 -9.46 10.88 9.56
CA ALA C 37 -10.61 9.98 9.58
C ALA C 37 -11.41 10.00 8.28
N TYR C 38 -11.38 8.89 7.54
CA TYR C 38 -12.34 8.66 6.45
C TYR C 38 -13.62 8.14 7.09
N ILE C 39 -14.74 8.78 6.81
CA ILE C 39 -16.04 8.33 7.32
C ILE C 39 -17.05 8.18 6.19
N ASP C 40 -17.65 6.99 6.09
CA ASP C 40 -18.73 6.72 5.13
C ASP C 40 -19.89 7.69 5.37
N HIS C 41 -20.52 8.17 4.29
CA HIS C 41 -21.54 9.23 4.39
C HIS C 41 -22.76 8.86 5.24
N ARG C 42 -23.21 7.60 5.15
CA ARG C 42 -24.30 7.12 5.99
C ARG C 42 -23.90 7.15 7.47
N ASP C 43 -22.70 6.65 7.77
CA ASP C 43 -22.17 6.65 9.12
C ASP C 43 -22.03 8.06 9.68
N PHE C 44 -21.58 8.99 8.84
CA PHE C 44 -21.49 10.39 9.24
C PHE C 44 -22.87 10.96 9.58
N LEU C 45 -23.84 10.78 8.68
CA LEU C 45 -25.19 11.32 8.85
C LEU C 45 -25.92 10.77 10.07
N GLU C 46 -25.68 9.49 10.38
CA GLU C 46 -26.33 8.83 11.51
C GLU C 46 -25.66 9.13 12.85
N ALA C 47 -24.41 9.56 12.81
CA ALA C 47 -23.65 9.88 14.02
C ALA C 47 -24.16 11.16 14.67
N LYS C 48 -24.11 11.21 16.00
CA LYS C 48 -24.40 12.41 16.74
C LYS C 48 -23.30 13.43 16.49
N THR C 49 -23.64 14.72 16.56
CA THR C 49 -22.68 15.81 16.36
C THR C 49 -21.48 15.66 17.30
N GLU C 50 -21.78 15.34 18.55
CA GLU C 50 -20.76 15.21 19.60
C GLU C 50 -19.73 14.13 19.28
N THR C 51 -20.16 13.03 18.67
CA THR C 51 -19.27 11.95 18.27
C THR C 51 -18.21 12.45 17.27
N ILE C 52 -18.64 13.26 16.29
CA ILE C 52 -17.73 13.77 15.27
C ILE C 52 -16.84 14.88 15.84
N LYS C 53 -17.45 15.78 16.61
CA LYS C 53 -16.76 16.88 17.29
C LYS C 53 -15.62 16.36 18.18
N ASN C 54 -15.91 15.30 18.93
CA ASN C 54 -14.91 14.62 19.74
C ASN C 54 -13.78 14.02 18.90
N LEU C 55 -14.13 13.23 17.89
CA LEU C 55 -13.14 12.55 17.05
C LEU C 55 -12.17 13.53 16.40
N LEU C 56 -12.68 14.68 15.98
CA LEU C 56 -11.86 15.73 15.34
C LEU C 56 -10.71 16.23 16.20
N MET C 57 -10.93 16.31 17.51
CA MET C 57 -9.90 16.76 18.44
C MET C 57 -8.62 15.92 18.36
N ARG C 58 -8.79 14.60 18.27
CA ARG C 58 -7.64 13.69 18.19
C ARG C 58 -7.25 13.28 16.76
N GLN C 59 -8.20 13.27 15.84
CA GLN C 59 -7.91 12.87 14.44
C GLN C 59 -7.58 14.05 13.53
N GLY C 60 -7.79 15.27 14.04
CA GLY C 60 -7.43 16.49 13.30
C GLY C 60 -8.38 16.86 12.18
N PHE C 61 -8.77 15.88 11.37
CA PHE C 61 -9.64 16.13 10.24
C PHE C 61 -10.48 14.92 9.83
N VAL C 62 -11.62 15.21 9.20
CA VAL C 62 -12.59 14.20 8.75
C VAL C 62 -12.87 14.37 7.25
N VAL C 63 -12.87 13.25 6.53
CA VAL C 63 -13.16 13.22 5.09
C VAL C 63 -14.39 12.36 4.84
N VAL C 64 -15.42 12.99 4.27
CA VAL C 64 -16.64 12.30 3.88
C VAL C 64 -16.83 12.51 2.38
N LYS C 65 -17.10 11.43 1.65
CA LYS C 65 -17.38 11.50 0.22
C LYS C 65 -18.83 11.14 -0.07
N ASN C 66 -19.34 11.62 -1.20
CA ASN C 66 -20.68 11.28 -1.71
C ASN C 66 -21.83 11.71 -0.79
N LEU C 67 -21.69 12.90 -0.23
CA LEU C 67 -22.72 13.52 0.58
C LEU C 67 -23.52 14.46 -0.32
N ASP C 68 -24.81 14.20 -0.44
CA ASP C 68 -25.66 14.96 -1.34
C ASP C 68 -26.56 15.92 -0.55
N ILE C 69 -26.05 17.12 -0.31
CA ILE C 69 -26.77 18.14 0.47
C ILE C 69 -26.72 19.51 -0.21
N ASP C 70 -27.69 20.36 0.13
CA ASP C 70 -27.67 21.75 -0.33
C ASP C 70 -27.11 22.68 0.76
N SER C 71 -27.05 23.98 0.50
CA SER C 71 -26.44 24.94 1.42
C SER C 71 -27.17 25.06 2.76
N ASP C 72 -28.49 24.94 2.74
CA ASP C 72 -29.31 25.00 3.96
C ASP C 72 -29.02 23.82 4.90
N THR C 73 -28.92 22.63 4.32
CA THR C 73 -28.62 21.42 5.07
C THR C 73 -27.19 21.45 5.59
N PHE C 74 -26.28 22.00 4.78
CA PHE C 74 -24.89 22.20 5.17
C PHE C 74 -24.80 23.02 6.46
N ARG C 75 -25.57 24.11 6.51
CA ARG C 75 -25.63 24.95 7.71
C ARG C 75 -26.26 24.21 8.89
N ASP C 76 -27.33 23.47 8.64
CA ASP C 76 -27.95 22.62 9.67
C ASP C 76 -26.93 21.69 10.33
N ILE C 77 -26.04 21.12 9.51
CA ILE C 77 -25.01 20.20 9.99
C ILE C 77 -23.94 20.92 10.83
N TYR C 78 -23.32 21.95 10.26
CA TYR C 78 -22.20 22.60 10.94
C TYR C 78 -22.59 23.47 12.15
N SER C 79 -23.77 24.09 12.10
CA SER C 79 -24.22 24.96 13.19
C SER C 79 -24.41 24.21 14.51
N ALA C 80 -24.61 22.89 14.42
CA ALA C 80 -24.81 22.06 15.60
C ALA C 80 -23.52 21.86 16.41
N TYR C 81 -22.38 22.21 15.82
CA TYR C 81 -21.07 21.98 16.44
C TYR C 81 -20.67 23.04 17.47
N GLY C 82 -21.37 24.18 17.45
CA GLY C 82 -21.10 25.27 18.40
C GLY C 82 -21.74 26.57 17.95
N THR C 83 -21.17 27.69 18.41
CA THR C 83 -21.63 29.00 17.98
C THR C 83 -21.03 29.33 16.62
N ILE C 84 -21.89 29.62 15.66
CA ILE C 84 -21.46 29.98 14.31
C ILE C 84 -20.58 31.22 14.35
N VAL C 85 -19.39 31.12 13.77
CA VAL C 85 -18.52 32.28 13.60
C VAL C 85 -19.03 33.06 12.41
N GLU C 86 -19.72 34.15 12.69
CA GLU C 86 -20.38 34.94 11.64
C GLU C 86 -20.09 36.43 11.78
N TYR C 87 -20.17 37.13 10.65
CA TYR C 87 -19.86 38.54 10.60
C TYR C 87 -21.04 39.36 10.09
N ALA C 88 -21.78 39.94 11.04
CA ALA C 88 -22.98 40.71 10.75
C ALA C 88 -22.96 42.06 11.49
N ASP C 89 -23.98 42.88 11.22
CA ASP C 89 -24.12 44.22 11.81
C ASP C 89 -22.97 45.14 11.39
N GLU C 90 -22.12 45.52 12.35
CA GLU C 90 -20.96 46.36 12.07
C GLU C 90 -19.81 45.57 11.42
N LYS C 91 -19.91 44.24 11.49
CA LYS C 91 -18.90 43.35 10.91
C LYS C 91 -19.31 42.81 9.53
N ILE C 92 -20.43 43.30 9.01
CA ILE C 92 -21.01 42.80 7.75
C ILE C 92 -20.07 42.97 6.54
N GLY C 93 -19.05 43.81 6.68
CA GLY C 93 -18.06 44.02 5.61
C GLY C 93 -17.13 42.83 5.38
N VAL C 94 -16.91 42.03 6.43
CA VAL C 94 -15.99 40.88 6.37
C VAL C 94 -16.44 39.86 5.32
N GLY C 95 -15.49 39.48 4.45
CA GLY C 95 -15.76 38.51 3.39
C GLY C 95 -16.84 38.96 2.44
N PHE C 96 -16.95 40.27 2.24
CA PHE C 96 -17.90 40.89 1.32
C PHE C 96 -19.36 40.52 1.63
N GLY C 97 -19.67 40.37 2.92
CA GLY C 97 -21.04 40.22 3.39
C GLY C 97 -21.66 38.84 3.29
N TYR C 98 -20.84 37.80 3.46
CA TYR C 98 -21.34 36.42 3.40
C TYR C 98 -22.10 36.01 4.66
N ARG C 99 -21.86 36.76 5.74
CA ARG C 99 -22.43 36.50 7.07
C ARG C 99 -21.90 35.19 7.67
N ASP C 100 -22.51 34.05 7.31
CA ASP C 100 -22.17 32.76 7.92
C ASP C 100 -21.49 31.75 6.99
N THR C 101 -22.15 31.39 5.88
CA THR C 101 -21.59 30.41 4.96
C THR C 101 -20.88 31.09 3.80
N LEU C 102 -19.55 31.01 3.81
CA LEU C 102 -18.76 31.62 2.74
C LEU C 102 -18.78 30.75 1.49
N LYS C 103 -19.08 31.38 0.36
CA LYS C 103 -19.03 30.73 -0.93
C LYS C 103 -17.68 30.99 -1.58
N LEU C 104 -16.85 29.94 -1.66
CA LEU C 104 -15.54 30.01 -2.29
C LEU C 104 -15.68 29.48 -3.72
N GLU C 105 -15.81 30.38 -4.68
CA GLU C 105 -16.21 30.02 -6.03
C GLU C 105 -15.20 30.42 -7.11
N GLY C 106 -13.99 30.75 -6.69
CA GLY C 106 -12.91 31.09 -7.62
C GLY C 106 -13.18 32.31 -8.45
N GLU C 107 -13.45 33.43 -7.77
CA GLU C 107 -13.79 34.67 -8.44
C GLU C 107 -12.54 35.47 -8.79
N LYS C 108 -12.51 35.98 -10.01
CA LYS C 108 -11.42 36.86 -10.48
C LYS C 108 -11.36 38.15 -9.67
N GLY C 109 -10.15 38.66 -9.46
CA GLY C 109 -9.94 39.88 -8.71
C GLY C 109 -10.10 39.72 -7.20
N LYS C 110 -10.25 38.47 -6.75
CA LYS C 110 -10.37 38.14 -5.32
C LYS C 110 -9.22 37.23 -4.93
N ILE C 111 -8.89 37.18 -3.63
CA ILE C 111 -7.81 36.32 -3.16
C ILE C 111 -8.34 35.12 -2.36
N VAL C 112 -8.86 35.37 -1.16
CA VAL C 112 -9.44 34.30 -0.34
C VAL C 112 -10.49 33.50 -1.15
N THR C 113 -11.41 34.22 -1.79
CA THR C 113 -12.42 33.62 -2.64
C THR C 113 -11.97 33.59 -4.11
N GLY C 114 -10.67 33.76 -4.33
CA GLY C 114 -10.08 33.77 -5.67
C GLY C 114 -9.61 32.42 -6.17
N ARG C 115 -8.67 32.44 -7.12
CA ARG C 115 -8.29 31.24 -7.86
C ARG C 115 -6.86 30.79 -7.58
N GLY C 116 -6.18 31.53 -6.72
CA GLY C 116 -4.79 31.23 -6.40
C GLY C 116 -4.58 30.54 -5.07
N GLN C 117 -3.30 30.34 -4.74
CA GLN C 117 -2.87 29.69 -3.51
C GLN C 117 -3.32 30.42 -2.24
N LEU C 118 -3.63 29.66 -1.21
CA LEU C 118 -3.66 30.17 0.15
C LEU C 118 -2.66 29.33 0.96
N PRO C 119 -1.50 29.91 1.31
CA PRO C 119 -0.44 29.21 2.06
C PRO C 119 -0.89 28.78 3.46
N PHE C 120 -0.12 27.88 4.07
CA PHE C 120 -0.41 27.37 5.41
C PHE C 120 -0.95 28.47 6.35
N HIS C 121 -2.11 28.20 6.93
CA HIS C 121 -2.72 29.13 7.88
C HIS C 121 -3.71 28.39 8.78
N ALA C 122 -4.09 29.03 9.88
CA ALA C 122 -5.24 28.62 10.65
C ALA C 122 -6.32 29.68 10.46
N ASP C 123 -7.58 29.29 10.55
CA ASP C 123 -8.67 30.24 10.35
C ASP C 123 -8.85 31.15 11.57
N GLY C 124 -9.45 32.32 11.35
CA GLY C 124 -9.88 33.20 12.43
C GLY C 124 -8.84 34.18 12.93
N GLY C 125 -7.59 33.73 13.02
CA GLY C 125 -6.50 34.51 13.61
C GLY C 125 -6.35 35.95 13.16
N LEU C 126 -6.45 36.19 11.85
CA LEU C 126 -6.23 37.53 11.29
C LEU C 126 -7.41 38.48 11.57
N LEU C 127 -8.59 37.89 11.78
CA LEU C 127 -9.80 38.66 12.10
C LEU C 127 -10.03 38.72 13.61
N LEU C 128 -9.06 38.18 14.36
CA LEU C 128 -9.10 38.09 15.82
C LEU C 128 -10.34 37.32 16.32
N SER C 129 -10.74 36.30 15.55
CA SER C 129 -11.85 35.43 15.96
C SER C 129 -11.35 34.06 16.34
N GLN C 130 -11.96 33.48 17.36
CA GLN C 130 -11.72 32.10 17.71
C GLN C 130 -12.47 31.19 16.73
N VAL C 131 -11.75 30.26 16.11
CA VAL C 131 -12.37 29.26 15.25
C VAL C 131 -11.88 27.88 15.70
N ASP C 132 -12.82 27.02 16.07
CA ASP C 132 -12.50 25.67 16.55
C ASP C 132 -12.62 24.63 15.43
N GLN C 133 -13.71 24.69 14.68
CA GLN C 133 -13.96 23.77 13.58
C GLN C 133 -14.19 24.53 12.28
N VAL C 134 -13.63 24.01 11.18
CA VAL C 134 -13.85 24.55 9.84
C VAL C 134 -14.44 23.45 8.96
N PHE C 135 -15.50 23.78 8.23
CA PHE C 135 -16.19 22.84 7.35
C PHE C 135 -16.09 23.30 5.91
N LEU C 136 -15.70 22.40 5.02
CA LEU C 136 -15.65 22.67 3.58
C LEU C 136 -16.43 21.62 2.79
N TYR C 137 -17.44 22.08 2.05
CA TYR C 137 -18.24 21.20 1.22
C TYR C 137 -18.14 21.57 -0.26
N ALA C 138 -17.93 20.56 -1.10
CA ALA C 138 -17.82 20.76 -2.54
C ALA C 138 -19.18 20.74 -3.23
N ALA C 139 -19.66 21.94 -3.56
CA ALA C 139 -20.93 22.10 -4.27
C ALA C 139 -20.80 21.71 -5.74
N GLU C 140 -19.72 22.15 -6.38
CA GLU C 140 -19.50 21.87 -7.80
C GLU C 140 -18.01 21.90 -8.16
N ILE C 141 -17.53 20.80 -8.73
CA ILE C 141 -16.15 20.66 -9.15
C ILE C 141 -16.12 20.15 -10.59
N LYS C 142 -15.44 20.87 -11.47
CA LYS C 142 -15.39 20.52 -12.90
C LYS C 142 -14.03 20.86 -13.51
N ASN C 143 -13.54 19.95 -14.35
CA ASN C 143 -12.31 20.14 -15.13
C ASN C 143 -11.06 20.37 -14.28
N VAL C 144 -11.01 19.72 -13.13
CA VAL C 144 -9.84 19.76 -12.26
C VAL C 144 -9.62 18.41 -11.58
N LYS C 145 -8.43 17.85 -11.77
CA LYS C 145 -8.08 16.55 -11.22
C LYS C 145 -6.81 16.59 -10.38
N PHE C 146 -5.89 17.50 -10.72
CA PHE C 146 -4.60 17.59 -10.04
C PHE C 146 -4.17 19.02 -9.74
N ARG C 147 -5.15 19.89 -9.51
CA ARG C 147 -4.91 21.25 -9.05
C ARG C 147 -5.95 21.58 -7.99
N GLY C 148 -5.84 22.74 -7.37
CA GLY C 148 -6.87 23.24 -6.46
C GLY C 148 -7.12 22.43 -5.20
N ALA C 149 -6.12 21.66 -4.77
CA ALA C 149 -6.23 20.85 -3.55
C ALA C 149 -6.36 21.71 -2.31
N THR C 150 -7.13 21.23 -1.34
CA THR C 150 -7.04 21.71 0.03
C THR C 150 -6.14 20.73 0.77
N THR C 151 -5.13 21.24 1.47
CA THR C 151 -4.17 20.37 2.15
C THR C 151 -4.20 20.56 3.65
N VAL C 152 -3.81 19.51 4.38
CA VAL C 152 -3.91 19.51 5.84
C VAL C 152 -2.61 19.02 6.49
N CYS C 153 -2.12 19.78 7.47
CA CYS C 153 -0.90 19.41 8.19
C CYS C 153 -1.11 19.04 9.65
N ASP C 154 -0.57 17.88 10.02
CA ASP C 154 -0.52 17.41 11.40
C ASP C 154 0.60 18.15 12.14
N HIS C 155 0.31 19.34 12.67
CA HIS C 155 1.36 20.18 13.23
C HIS C 155 1.92 19.70 14.57
N ALA C 156 1.06 19.09 15.40
CA ALA C 156 1.52 18.56 16.67
C ALA C 156 2.61 17.50 16.48
N LEU C 157 2.36 16.55 15.58
CA LEU C 157 3.36 15.50 15.29
C LEU C 157 4.60 16.08 14.61
N ALA C 158 4.39 17.03 13.72
CA ALA C 158 5.48 17.70 13.02
C ALA C 158 6.38 18.48 13.96
N CYS C 159 5.78 19.20 14.90
CA CYS C 159 6.53 19.96 15.90
C CYS C 159 7.31 19.03 16.82
N GLN C 160 6.73 17.89 17.13
CA GLN C 160 7.38 16.88 17.96
C GLN C 160 8.65 16.30 17.31
N GLU C 161 8.63 16.16 15.98
CA GLU C 161 9.70 15.47 15.24
C GLU C 161 10.60 16.42 14.45
N MET C 162 10.25 17.70 14.51
CA MET C 162 10.95 18.77 13.81
C MET C 162 12.40 18.95 14.27
N PRO C 163 13.31 19.31 13.36
CA PRO C 163 14.67 19.69 13.75
C PRO C 163 14.64 20.87 14.72
N ALA C 164 15.47 20.81 15.75
CA ALA C 164 15.44 21.76 16.86
C ALA C 164 15.58 23.22 16.42
N HIS C 165 16.40 23.47 15.41
CA HIS C 165 16.65 24.84 14.95
C HIS C 165 15.41 25.49 14.32
N LEU C 166 14.49 24.66 13.84
CA LEU C 166 13.22 25.17 13.32
C LEU C 166 12.21 25.41 14.44
N LEU C 167 12.09 24.45 15.36
CA LEU C 167 11.15 24.55 16.47
C LEU C 167 11.48 25.73 17.38
N ARG C 168 12.78 25.94 17.62
CA ARG C 168 13.26 27.08 18.41
C ARG C 168 12.66 28.40 17.92
N VAL C 169 12.77 28.66 16.62
CA VAL C 169 12.25 29.89 16.01
C VAL C 169 10.75 30.04 16.30
N LEU C 170 10.00 28.96 16.12
CA LEU C 170 8.55 28.96 16.35
C LEU C 170 8.18 29.25 17.82
N GLU C 171 8.97 28.71 18.74
CA GLU C 171 8.68 28.81 20.18
C GLU C 171 9.19 30.10 20.82
N GLU C 172 10.26 30.65 20.26
CA GLU C 172 10.98 31.76 20.92
C GLU C 172 10.90 33.13 20.22
N GLU C 173 10.68 33.14 18.90
CA GLU C 173 10.69 34.40 18.16
C GLU C 173 9.28 34.99 17.99
N THR C 174 9.22 36.29 17.73
CA THR C 174 7.95 37.02 17.57
C THR C 174 7.53 37.11 16.09
N PHE C 175 6.39 36.50 15.79
CA PHE C 175 5.82 36.49 14.44
C PHE C 175 4.75 37.59 14.31
N GLU C 176 4.85 38.39 13.25
CA GLU C 176 3.87 39.45 12.98
C GLU C 176 3.26 39.32 11.59
N VAL C 177 1.98 39.66 11.48
CA VAL C 177 1.27 39.60 10.21
C VAL C 177 0.61 40.94 9.87
N ARG C 178 0.51 41.21 8.58
CA ARG C 178 -0.23 42.37 8.06
C ARG C 178 -1.17 41.87 6.97
N VAL C 179 -2.43 42.28 7.04
CA VAL C 179 -3.42 41.94 5.99
C VAL C 179 -3.27 42.84 4.76
N LEU C 180 -3.62 42.31 3.59
CA LEU C 180 -3.46 43.02 2.33
C LEU C 180 -4.75 43.09 1.50
N GLU C 181 -5.62 42.10 1.65
CA GLU C 181 -6.91 42.08 0.94
C GLU C 181 -7.94 42.88 1.76
N ARG C 182 -7.90 44.20 1.63
CA ARG C 182 -8.70 45.10 2.46
C ARG C 182 -10.22 44.89 2.37
N GLY C 183 -10.68 44.49 1.19
CA GLY C 183 -12.10 44.21 0.96
C GLY C 183 -12.63 43.03 1.76
N TYR C 184 -11.74 42.09 2.06
CA TYR C 184 -12.13 40.90 2.83
C TYR C 184 -12.12 41.16 4.34
N TYR C 185 -11.05 41.79 4.84
CA TYR C 185 -10.86 41.96 6.28
C TYR C 185 -11.40 43.28 6.83
N VAL C 186 -11.83 44.16 5.92
CA VAL C 186 -12.30 45.52 6.27
C VAL C 186 -11.50 46.16 7.42
N ASP C 187 -12.18 46.58 8.49
CA ASP C 187 -11.52 47.17 9.65
C ASP C 187 -11.62 46.30 10.91
N VAL C 188 -11.96 45.02 10.71
CA VAL C 188 -11.99 44.04 11.81
C VAL C 188 -10.58 43.56 12.14
N SER C 189 -9.76 43.34 11.12
CA SER C 189 -8.33 43.10 11.30
C SER C 189 -7.64 44.40 11.70
N PRO C 190 -6.55 44.31 12.49
CA PRO C 190 -5.75 45.50 12.82
C PRO C 190 -5.19 46.20 11.58
N ASP C 191 -4.73 47.43 11.73
CA ASP C 191 -4.35 48.25 10.58
C ASP C 191 -3.01 47.83 9.96
N GLY C 192 -1.96 47.78 10.77
CA GLY C 192 -0.63 47.46 10.27
C GLY C 192 -0.15 46.09 10.71
N TRP C 193 1.13 46.01 11.06
CA TRP C 193 1.71 44.78 11.60
C TRP C 193 1.21 44.50 13.01
N PHE C 194 0.71 43.30 13.24
CA PHE C 194 0.31 42.88 14.58
C PHE C 194 0.83 41.48 14.93
N LYS C 195 1.10 41.29 16.22
CA LYS C 195 1.64 40.03 16.74
C LYS C 195 0.59 38.92 16.71
N VAL C 196 0.98 37.77 16.18
CA VAL C 196 0.15 36.57 16.21
C VAL C 196 0.90 35.49 17.00
N PRO C 197 0.34 35.07 18.16
CA PRO C 197 1.02 34.07 18.98
C PRO C 197 1.08 32.72 18.24
N VAL C 198 2.28 32.20 18.06
CA VAL C 198 2.48 30.95 17.30
C VAL C 198 1.78 29.78 17.99
N PHE C 199 2.09 29.56 19.26
CA PHE C 199 1.45 28.51 20.04
C PHE C 199 0.55 29.08 21.13
N THR C 200 -0.66 28.53 21.23
CA THR C 200 -1.52 28.78 22.37
C THR C 200 -1.75 27.44 23.05
N ASP C 201 -1.28 27.33 24.28
CA ASP C 201 -1.32 26.06 25.00
C ASP C 201 -2.72 25.76 25.53
N LEU C 202 -3.38 24.77 24.93
CA LEU C 202 -4.69 24.31 25.38
C LEU C 202 -4.55 23.01 26.15
N GLY C 203 -3.31 22.58 26.40
CA GLY C 203 -3.04 21.36 27.15
C GLY C 203 -2.99 20.14 26.26
N TRP C 204 -4.16 19.71 25.77
CA TRP C 204 -4.27 18.57 24.87
C TRP C 204 -3.57 18.84 23.53
N VAL C 205 -3.44 20.12 23.20
CA VAL C 205 -2.71 20.54 22.01
C VAL C 205 -2.15 21.95 22.25
N ARG C 206 -1.09 22.28 21.51
CA ARG C 206 -0.66 23.66 21.38
C ARG C 206 -1.25 24.17 20.06
N LYS C 207 -2.36 24.90 20.16
CA LYS C 207 -3.03 25.46 18.99
C LYS C 207 -2.03 26.33 18.24
N MET C 208 -1.94 26.10 16.92
CA MET C 208 -1.00 26.82 16.10
C MET C 208 -1.68 27.91 15.27
N LEU C 209 -1.20 29.13 15.42
CA LEU C 209 -1.63 30.25 14.59
C LEU C 209 -0.41 30.79 13.86
N ILE C 210 -0.31 30.47 12.57
CA ILE C 210 0.81 30.89 11.75
C ILE C 210 0.30 31.25 10.36
N TYR C 211 0.97 32.17 9.70
CA TYR C 211 0.52 32.67 8.40
C TYR C 211 1.67 32.75 7.42
N PHE C 212 1.79 31.70 6.61
CA PHE C 212 2.90 31.55 5.66
C PHE C 212 2.87 32.60 4.54
N PRO C 213 4.05 32.94 3.98
CA PRO C 213 4.09 33.87 2.85
C PRO C 213 3.54 33.22 1.58
N PHE C 214 2.84 34.01 0.77
CA PHE C 214 2.36 33.54 -0.53
C PHE C 214 3.54 33.32 -1.46
N ASP C 215 3.44 32.29 -2.31
CA ASP C 215 4.44 32.04 -3.33
C ASP C 215 4.53 33.22 -4.28
N GLU C 216 5.73 33.47 -4.81
CA GLU C 216 5.94 34.49 -5.80
C GLU C 216 5.02 34.23 -7.00
N GLY C 217 4.21 35.22 -7.37
CA GLY C 217 3.26 35.07 -8.48
C GLY C 217 1.82 34.86 -8.04
N GLN C 218 1.63 34.49 -6.78
CA GLN C 218 0.29 34.33 -6.22
C GLN C 218 -0.11 35.61 -5.50
N PRO C 219 -1.27 36.20 -5.86
CA PRO C 219 -1.75 37.39 -5.16
C PRO C 219 -1.88 37.15 -3.66
N ALA C 220 -1.39 38.10 -2.86
CA ALA C 220 -1.25 37.91 -1.41
C ALA C 220 -2.34 38.59 -0.59
N SER C 221 -3.07 37.79 0.19
CA SER C 221 -4.13 38.27 1.07
C SER C 221 -3.54 38.80 2.38
N TRP C 222 -2.41 38.22 2.78
CA TRP C 222 -1.70 38.62 3.99
C TRP C 222 -0.19 38.49 3.79
N GLU C 223 0.57 38.94 4.78
CA GLU C 223 2.03 38.92 4.71
C GLU C 223 2.63 38.77 6.11
N PRO C 224 3.54 37.79 6.28
CA PRO C 224 4.19 37.59 7.57
C PRO C 224 5.56 38.25 7.67
N ARG C 225 5.98 38.52 8.90
CA ARG C 225 7.37 38.83 9.18
C ARG C 225 7.79 38.24 10.53
N ILE C 226 9.09 38.13 10.76
CA ILE C 226 9.63 37.71 12.05
C ILE C 226 10.52 38.82 12.57
N VAL C 227 10.21 39.31 13.77
CA VAL C 227 10.97 40.41 14.38
C VAL C 227 12.39 39.94 14.69
N GLY C 228 13.37 40.73 14.27
CA GLY C 228 14.78 40.43 14.51
C GLY C 228 15.43 39.65 13.37
N PHE C 229 14.59 39.20 12.44
CA PHE C 229 15.05 38.48 11.25
C PHE C 229 15.07 39.43 10.06
N THR C 230 16.06 39.26 9.19
CA THR C 230 16.08 39.97 7.91
C THR C 230 15.11 39.29 6.94
N ASP C 231 14.80 39.96 5.84
CA ASP C 231 13.94 39.41 4.78
C ASP C 231 14.52 38.09 4.23
N HIS C 232 15.84 38.05 4.11
CA HIS C 232 16.57 36.87 3.63
C HIS C 232 16.40 35.67 4.57
N GLU C 233 16.41 35.93 5.88
CA GLU C 233 16.30 34.87 6.88
C GLU C 233 14.87 34.36 7.01
N THR C 234 13.91 35.28 6.99
CA THR C 234 12.49 34.96 7.07
C THR C 234 12.03 34.12 5.88
N GLN C 235 12.47 34.50 4.68
CA GLN C 235 12.18 33.74 3.48
C GLN C 235 12.75 32.32 3.58
N ALA C 236 14.02 32.23 3.98
CA ALA C 236 14.68 30.94 4.12
C ALA C 236 14.01 30.04 5.15
N PHE C 237 13.60 30.63 6.28
CA PHE C 237 12.93 29.89 7.35
C PHE C 237 11.60 29.30 6.92
N PHE C 238 10.78 30.10 6.24
CA PHE C 238 9.46 29.65 5.82
C PHE C 238 9.52 28.56 4.76
N GLN C 239 10.48 28.68 3.84
CA GLN C 239 10.69 27.68 2.80
C GLN C 239 11.15 26.34 3.38
N GLU C 240 12.07 26.40 4.35
CA GLU C 240 12.57 25.19 4.99
C GLU C 240 11.50 24.53 5.86
N LEU C 241 10.84 25.33 6.71
CA LEU C 241 9.72 24.83 7.50
C LEU C 241 8.62 24.25 6.60
N GLY C 242 8.29 24.98 5.53
CA GLY C 242 7.28 24.54 4.55
C GLY C 242 7.56 23.15 3.99
N ALA C 243 8.79 22.94 3.52
CA ALA C 243 9.20 21.66 2.97
C ALA C 243 9.10 20.54 4.02
N PHE C 244 9.46 20.85 5.27
CA PHE C 244 9.32 19.88 6.35
C PHE C 244 7.87 19.50 6.60
N LEU C 245 7.00 20.51 6.71
CA LEU C 245 5.59 20.29 6.99
C LEU C 245 4.85 19.54 5.86
N LYS C 246 5.40 19.63 4.65
CA LYS C 246 4.77 19.03 3.47
C LYS C 246 5.15 17.56 3.25
N GLN C 247 5.98 17.01 4.14
CA GLN C 247 6.34 15.60 4.06
C GLN C 247 5.11 14.72 4.31
N PRO C 248 4.99 13.59 3.56
CA PRO C 248 3.79 12.73 3.60
C PRO C 248 3.38 12.28 5.00
N ARG C 249 4.34 12.14 5.91
CA ARG C 249 4.02 11.74 7.29
C ARG C 249 3.03 12.70 7.97
N TYR C 250 3.14 13.99 7.67
CA TYR C 250 2.32 15.02 8.33
C TYR C 250 1.23 15.63 7.43
N TYR C 251 1.29 15.33 6.14
CA TYR C 251 0.64 16.15 5.12
C TYR C 251 -0.36 15.38 4.28
N TYR C 252 -1.60 15.85 4.24
CA TYR C 252 -2.66 15.25 3.43
C TYR C 252 -3.14 16.22 2.35
N LYS C 253 -3.26 15.73 1.12
CA LYS C 253 -3.76 16.55 0.02
C LYS C 253 -5.14 16.07 -0.42
N HIS C 254 -6.14 16.94 -0.30
CA HIS C 254 -7.50 16.60 -0.72
C HIS C 254 -7.84 17.19 -2.08
N PHE C 255 -7.98 16.30 -3.07
CA PHE C 255 -8.46 16.71 -4.38
C PHE C 255 -9.97 16.54 -4.47
N TRP C 256 -10.64 17.63 -4.82
CA TRP C 256 -12.07 17.77 -4.63
C TRP C 256 -12.94 17.08 -5.67
N GLU C 257 -14.02 16.47 -5.20
CA GLU C 257 -15.08 15.93 -6.05
C GLU C 257 -16.43 16.38 -5.49
N ASP C 258 -17.44 16.49 -6.36
CA ASP C 258 -18.80 16.84 -5.93
C ASP C 258 -19.25 15.99 -4.77
N GLY C 259 -19.75 16.63 -3.72
CA GLY C 259 -20.26 15.91 -2.55
C GLY C 259 -19.26 15.58 -1.46
N ASP C 260 -18.00 16.04 -1.63
CA ASP C 260 -16.97 15.89 -0.60
C ASP C 260 -17.24 16.85 0.56
N LEU C 261 -17.10 16.35 1.78
CA LEU C 261 -17.08 17.20 2.97
C LEU C 261 -15.77 17.01 3.73
N LEU C 262 -15.06 18.10 3.94
CA LEU C 262 -13.83 18.09 4.71
C LEU C 262 -14.00 18.96 5.95
N ILE C 263 -13.88 18.33 7.13
CA ILE C 263 -13.95 19.03 8.40
C ILE C 263 -12.58 19.01 9.08
N MET C 264 -12.18 20.15 9.60
CA MET C 264 -10.90 20.29 10.30
C MET C 264 -11.09 20.85 11.69
N ASP C 265 -10.34 20.30 12.65
CA ASP C 265 -10.20 20.96 13.94
C ASP C 265 -9.09 21.99 13.78
N ASN C 266 -9.51 23.26 13.79
CA ASN C 266 -8.64 24.41 13.52
C ASN C 266 -7.54 24.61 14.56
N ARG C 267 -7.68 23.94 15.71
CA ARG C 267 -6.68 24.00 16.78
C ARG C 267 -5.62 22.92 16.62
N ARG C 268 -5.94 21.90 15.82
CA ARG C 268 -5.14 20.67 15.75
C ARG C 268 -4.40 20.51 14.41
N VAL C 269 -4.87 21.23 13.39
CA VAL C 269 -4.22 21.23 12.09
C VAL C 269 -4.09 22.65 11.54
N ILE C 270 -3.17 22.84 10.62
CA ILE C 270 -3.16 24.00 9.74
C ILE C 270 -3.40 23.50 8.32
N HIS C 271 -3.80 24.39 7.43
CA HIS C 271 -4.22 23.98 6.09
C HIS C 271 -3.86 25.01 5.04
N GLU C 272 -3.83 24.56 3.79
CA GLU C 272 -3.60 25.46 2.67
C GLU C 272 -4.54 25.12 1.51
N ARG C 273 -4.69 26.06 0.58
CA ARG C 273 -5.27 25.76 -0.72
C ARG C 273 -4.19 25.94 -1.78
N GLU C 274 -4.09 24.97 -2.69
CA GLU C 274 -3.17 25.11 -3.81
C GLU C 274 -3.87 25.80 -4.96
N GLU C 275 -3.10 26.52 -5.77
CA GLU C 275 -3.64 27.31 -6.87
C GLU C 275 -4.49 26.49 -7.85
N PHE C 276 -5.50 27.13 -8.43
CA PHE C 276 -6.27 26.54 -9.52
C PHE C 276 -6.52 27.56 -10.64
N ASN C 277 -5.46 28.25 -11.03
CA ASN C 277 -5.52 29.34 -12.00
C ASN C 277 -5.59 28.88 -13.47
N ASP C 278 -6.62 28.07 -13.75
CA ASP C 278 -6.99 27.66 -15.10
C ASP C 278 -8.46 28.05 -15.25
N ASP C 279 -8.74 28.93 -16.22
CA ASP C 279 -10.09 29.48 -16.44
C ASP C 279 -11.17 28.43 -16.66
N ASP C 280 -10.78 27.25 -17.12
CA ASP C 280 -11.72 26.17 -17.39
C ASP C 280 -12.24 25.47 -16.13
N ILE C 281 -11.49 25.60 -15.04
CA ILE C 281 -11.83 24.97 -13.76
C ILE C 281 -13.07 25.59 -13.13
N VAL C 282 -14.01 24.75 -12.73
CA VAL C 282 -15.11 25.17 -11.86
C VAL C 282 -14.84 24.56 -10.48
N ARG C 283 -14.73 25.42 -9.47
CA ARG C 283 -14.44 25.00 -8.11
C ARG C 283 -15.25 25.86 -7.14
N ARG C 284 -16.36 25.31 -6.65
CA ARG C 284 -17.23 26.03 -5.74
C ARG C 284 -17.38 25.26 -4.43
N LEU C 285 -16.84 25.83 -3.36
CA LEU C 285 -16.93 25.23 -2.02
C LEU C 285 -17.78 26.11 -1.12
N TYR C 286 -18.49 25.48 -0.19
CA TYR C 286 -19.15 26.21 0.90
C TYR C 286 -18.33 26.04 2.16
N ARG C 287 -18.22 27.12 2.95
CA ARG C 287 -17.40 27.10 4.16
C ARG C 287 -18.16 27.60 5.39
N GLY C 288 -18.16 26.77 6.43
CA GLY C 288 -18.71 27.15 7.73
C GLY C 288 -17.67 27.05 8.83
N GLN C 289 -17.84 27.87 9.87
CA GLN C 289 -16.91 27.90 11.01
C GLN C 289 -17.67 27.92 12.35
N THR C 290 -17.19 27.14 13.32
CA THR C 290 -17.76 27.13 14.66
C THR C 290 -16.71 27.24 15.77
N ALA C 291 -17.15 27.72 16.94
CA ALA C 291 -16.30 27.84 18.12
C ALA C 291 -17.15 27.78 19.39
N ASP C 292 -16.51 27.50 20.52
CA ASP C 292 -17.19 27.50 21.81
C ASP C 292 -16.64 28.59 22.74
FE FE2 D . 13.53 -1.43 -20.84
C1 AKG E . 15.45 -1.37 -22.98
O1 AKG E . 16.09 -1.81 -23.97
O2 AKG E . 14.21 -1.53 -22.91
C2 AKG E . 16.13 -0.67 -21.89
O5 AKG E . 15.49 -0.38 -20.88
C3 AKG E . 17.59 -0.29 -22.01
C4 AKG E . 18.37 -0.50 -20.71
C5 AKG E . 19.72 0.20 -20.74
O3 AKG E . 20.28 0.48 -19.65
O4 AKG E . 20.26 0.46 -21.84
FE FE2 F . -6.39 -26.39 8.87
C1 AKG G . -8.87 -27.77 9.69
O1 AKG G . -7.87 -28.21 9.09
O2 AKG G . -9.98 -28.32 9.56
C2 AKG G . -8.74 -26.59 10.55
O5 AKG G . -7.76 -25.85 10.42
C3 AKG G . -9.78 -26.29 11.61
C4 AKG G . -10.12 -24.80 11.65
C5 AKG G . -10.91 -24.46 12.90
O3 AKG G . -10.73 -23.34 13.42
O4 AKG G . -11.72 -25.29 13.37
C1 GOL H . -5.70 -3.50 -4.24
O1 GOL H . -4.40 -3.88 -3.86
C2 GOL H . -6.29 -4.58 -5.13
O2 GOL H . -6.32 -4.11 -6.46
C3 GOL H . -7.69 -4.96 -4.65
O3 GOL H . -8.34 -5.74 -5.64
O 2TQ I . -8.29 -32.07 5.60
C 2TQ I . -7.13 -31.62 5.81
OXT 2TQ I . -6.55 -30.78 5.08
CA 2TQ I . -6.43 -32.15 6.92
CB 2TQ I . -7.06 -31.80 8.30
CG 2TQ I . -5.87 -31.33 9.16
CD 2TQ I . -5.19 -30.53 8.07
N 2TQ I . -5.05 -31.63 7.10
CAH 2TQ I . -3.72 -31.54 7.09
OAB 2TQ I . -2.86 -32.16 6.46
CAF 2TQ I . -3.67 -30.51 8.05
FE FE2 J . -8.64 28.57 5.76
C1 AKG K . -10.51 29.59 3.82
O1 AKG K . -9.94 30.24 4.74
O2 AKG K . -11.72 29.80 3.56
C2 AKG K . -9.74 28.59 3.08
O5 AKG K . -8.81 28.01 3.64
C3 AKG K . -10.06 28.26 1.63
C4 AKG K . -10.19 26.76 1.46
C5 AKG K . -10.23 26.35 -0.01
O3 AKG K . -9.67 25.28 -0.34
O4 AKG K . -10.82 27.09 -0.84
O 2TQ L . -12.49 33.95 7.38
C 2TQ L . -11.37 33.58 7.81
OXT 2TQ L . -11.18 32.72 8.70
CA 2TQ L . -10.25 34.24 7.28
CB 2TQ L . -9.93 33.86 5.80
CG 2TQ L . -8.42 33.53 5.80
CD 2TQ L . -8.40 32.80 7.12
N 2TQ L . -8.97 33.88 7.94
CAH 2TQ L . -7.88 33.95 8.73
OAB 2TQ L . -7.60 34.64 9.70
CAF 2TQ L . -7.19 32.95 8.01
#